data_3AZT
#
_entry.id   3AZT
#
_cell.length_a   82.377
_cell.length_b   76.159
_cell.length_c   94.278
_cell.angle_alpha   90.00
_cell.angle_beta   90.54
_cell.angle_gamma   90.00
#
_symmetry.space_group_name_H-M   'P 1 21 1'
#
loop_
_entity.id
_entity.type
_entity.pdbx_description
1 polymer Endoglucanase
2 branched beta-D-glucopyranose-(1-4)-beta-D-glucopyranose-(1-4)-beta-D-glucopyranose-(1-4)-alpha-D-glucopyranose
3 water water
#
_entity_poly.entity_id   1
_entity_poly.type   'polypeptide(L)'
_entity_poly.pdbx_seq_one_letter_code
;MGVDPFERNKILGRGINIGNALEAPNEGDWGVVIKDEFFDIIKEAGFSHVRIPIRWSTHAYAFPPYKIMDRFFKRVDEVI
NGALKRGLAVVINIHHYEELMNDPEEHKERFLALWKQIADRYKDYPETLFFEILNEPHGNLTPEKWNELLEEALKVIRSI
DKKHTIIIGTAEWGGISALEKLSVPKWEKNSIVTIHYYNPFEFTHQGAEWVEGSEKWLGRKWGSPDDQKHLIEEFNFIEE
WSKKNKRPIYIGAFGAYRKADLESRIKWTSFVVREMEKRRWSWAYWEFCSGFGVYDTLRKTWNKDLLEALIGGDSIE
;
_entity_poly.pdbx_strand_id   A,B,C,D
#
# COMPACT_ATOMS: atom_id res chain seq x y z
N MET A 1 -28.06 11.59 16.57
CA MET A 1 -29.23 10.95 16.10
C MET A 1 -30.49 11.77 16.43
N GLY A 2 -30.21 12.85 17.06
CA GLY A 2 -31.15 13.94 17.25
C GLY A 2 -30.37 15.24 17.04
N VAL A 3 -29.65 15.31 15.92
CA VAL A 3 -28.82 16.49 15.59
C VAL A 3 -29.55 17.48 14.70
N ASP A 4 -29.33 18.78 14.93
CA ASP A 4 -29.97 19.82 14.14
C ASP A 4 -29.09 20.38 13.00
N PRO A 5 -29.60 20.36 11.75
CA PRO A 5 -28.94 20.82 10.54
C PRO A 5 -28.74 22.34 10.45
N PHE A 6 -29.67 23.08 11.03
CA PHE A 6 -29.57 24.55 11.07
C PHE A 6 -28.43 24.95 12.00
N GLU A 7 -28.21 24.15 13.04
CA GLU A 7 -27.13 24.44 13.97
C GLU A 7 -25.83 24.11 13.27
N ARG A 8 -25.81 22.97 12.61
CA ARG A 8 -24.63 22.56 11.87
C ARG A 8 -24.33 23.66 10.85
N ASN A 9 -25.37 24.27 10.30
CA ASN A 9 -25.12 25.33 9.32
C ASN A 9 -24.45 26.52 10.02
N LYS A 10 -24.81 26.73 11.28
CA LYS A 10 -24.21 27.83 12.03
C LYS A 10 -22.74 27.55 12.25
N ILE A 11 -22.45 26.30 12.63
CA ILE A 11 -21.07 25.81 12.85
C ILE A 11 -20.23 25.98 11.57
N LEU A 12 -20.83 25.77 10.38
CA LEU A 12 -20.08 25.96 9.13
C LEU A 12 -19.69 27.42 9.02
N GLY A 13 -20.71 28.29 9.11
CA GLY A 13 -20.44 29.71 9.02
C GLY A 13 -19.63 30.10 7.80
N ARG A 14 -18.66 31.01 7.99
CA ARG A 14 -17.82 31.45 6.88
C ARG A 14 -16.72 30.45 6.62
N GLY A 15 -16.54 30.06 5.35
CA GLY A 15 -15.49 29.12 5.03
C GLY A 15 -14.76 29.46 3.75
N ILE A 16 -13.78 28.63 3.42
CA ILE A 16 -13.02 28.79 2.20
C ILE A 16 -12.67 27.41 1.59
N ASN A 17 -12.79 27.32 0.27
CA ASN A 17 -12.49 26.11 -0.49
C ASN A 17 -10.97 26.00 -0.71
N ILE A 18 -10.41 24.84 -0.47
CA ILE A 18 -8.99 24.68 -0.81
C ILE A 18 -9.07 23.90 -2.10
N GLY A 19 -9.20 24.65 -3.20
CA GLY A 19 -9.36 24.06 -4.52
C GLY A 19 -8.13 23.90 -5.36
N ASN A 20 -8.28 23.30 -6.55
CA ASN A 20 -7.20 22.97 -7.47
C ASN A 20 -6.13 22.15 -6.77
N ALA A 21 -6.59 21.32 -5.82
CA ALA A 21 -5.70 20.46 -5.05
C ALA A 21 -6.13 19.00 -5.19
N LEU A 22 -6.86 18.46 -4.22
CA LEU A 22 -7.30 17.06 -4.27
C LEU A 22 -8.31 16.68 -5.34
N GLU A 23 -8.88 17.67 -6.02
CA GLU A 23 -9.82 17.38 -7.09
C GLU A 23 -9.14 17.35 -8.45
N ALA A 24 -7.83 17.58 -8.51
CA ALA A 24 -7.14 17.43 -9.81
C ALA A 24 -6.86 15.92 -9.96
N PRO A 25 -6.37 15.46 -11.12
CA PRO A 25 -6.13 14.01 -11.19
C PRO A 25 -5.18 13.52 -10.11
N ASN A 26 -4.12 14.30 -9.85
CA ASN A 26 -3.14 14.00 -8.80
C ASN A 26 -2.98 15.33 -8.06
N GLU A 27 -2.86 15.31 -6.73
CA GLU A 27 -2.71 16.53 -5.97
C GLU A 27 -1.46 17.26 -6.45
N GLY A 28 -1.60 18.53 -6.79
CA GLY A 28 -0.46 19.31 -7.26
C GLY A 28 -0.54 19.58 -8.74
N ASP A 29 -1.21 18.71 -9.50
CA ASP A 29 -1.32 18.90 -10.94
C ASP A 29 -1.89 20.25 -11.31
N TRP A 30 -2.82 20.75 -10.52
CA TRP A 30 -3.43 22.01 -10.85
C TRP A 30 -2.86 23.18 -10.06
N GLY A 31 -1.67 22.99 -9.50
CA GLY A 31 -1.04 24.10 -8.82
C GLY A 31 -1.09 24.11 -7.32
N VAL A 32 -1.90 23.26 -6.70
CA VAL A 32 -1.95 23.37 -5.24
C VAL A 32 -1.80 22.05 -4.50
N VAL A 33 -0.95 22.04 -3.49
CA VAL A 33 -0.76 20.89 -2.61
C VAL A 33 -1.17 21.45 -1.26
N ILE A 34 -2.04 20.74 -0.54
CA ILE A 34 -2.49 21.23 0.74
C ILE A 34 -1.46 21.07 1.84
N LYS A 35 -0.89 22.19 2.26
CA LYS A 35 0.11 22.15 3.32
C LYS A 35 -0.59 22.29 4.66
N ASP A 36 -0.06 21.62 5.67
CA ASP A 36 -0.64 21.68 7.01
C ASP A 36 -0.79 23.11 7.55
N GLU A 37 0.18 23.99 7.33
CA GLU A 37 0.04 25.35 7.84
C GLU A 37 -1.13 26.14 7.24
N PHE A 38 -1.67 25.71 6.11
CA PHE A 38 -2.80 26.43 5.52
C PHE A 38 -3.91 26.55 6.54
N PHE A 39 -4.06 25.52 7.36
CA PHE A 39 -5.10 25.52 8.38
C PHE A 39 -4.89 26.58 9.44
N ASP A 40 -3.63 26.82 9.81
CA ASP A 40 -3.36 27.89 10.75
C ASP A 40 -3.75 29.21 10.10
N ILE A 41 -3.24 29.47 8.90
CA ILE A 41 -3.50 30.70 8.15
C ILE A 41 -5.00 30.97 8.00
N ILE A 42 -5.72 29.96 7.53
CA ILE A 42 -7.15 30.07 7.37
C ILE A 42 -7.89 30.32 8.69
N LYS A 43 -7.57 29.58 9.75
CA LYS A 43 -8.25 29.81 11.02
C LYS A 43 -7.90 31.19 11.57
N GLU A 44 -6.62 31.58 11.45
CA GLU A 44 -6.19 32.89 11.94
C GLU A 44 -6.93 34.06 11.32
N ALA A 45 -7.27 33.98 10.02
CA ALA A 45 -7.95 35.05 9.31
C ALA A 45 -9.42 35.17 9.66
N GLY A 46 -9.94 34.17 10.35
CA GLY A 46 -11.30 34.27 10.80
C GLY A 46 -12.31 33.30 10.22
N PHE A 47 -11.84 32.37 9.39
CA PHE A 47 -12.76 31.42 8.80
C PHE A 47 -13.17 30.33 9.80
N SER A 48 -14.40 29.83 9.66
CA SER A 48 -14.87 28.80 10.56
C SER A 48 -14.71 27.40 9.97
N HIS A 49 -14.62 27.29 8.63
CA HIS A 49 -14.45 25.99 7.99
C HIS A 49 -13.71 25.99 6.67
N VAL A 50 -13.35 24.79 6.23
CA VAL A 50 -12.76 24.65 4.92
C VAL A 50 -13.56 23.62 4.17
N ARG A 51 -13.71 23.84 2.88
CA ARG A 51 -14.39 22.88 2.04
C ARG A 51 -13.28 22.21 1.26
N ILE A 52 -13.29 20.89 1.19
CA ILE A 52 -12.17 20.22 0.49
C ILE A 52 -12.66 19.38 -0.72
N PRO A 53 -12.52 19.90 -1.95
CA PRO A 53 -12.90 19.22 -3.22
C PRO A 53 -12.03 17.96 -3.35
N ILE A 54 -12.63 16.79 -3.53
CA ILE A 54 -11.82 15.57 -3.62
C ILE A 54 -12.25 14.70 -4.77
N ARG A 55 -11.30 14.34 -5.63
CA ARG A 55 -11.60 13.49 -6.78
C ARG A 55 -11.42 12.01 -6.42
N TRP A 56 -12.24 11.51 -5.52
CA TRP A 56 -12.14 10.10 -5.16
C TRP A 56 -12.13 9.17 -6.37
N SER A 57 -12.84 9.51 -7.43
CA SER A 57 -12.93 8.61 -8.59
C SER A 57 -11.66 8.19 -9.28
N THR A 58 -10.61 9.01 -9.21
CA THR A 58 -9.37 8.62 -9.85
C THR A 58 -8.49 7.81 -8.88
N HIS A 59 -8.92 7.64 -7.65
CA HIS A 59 -8.16 6.90 -6.66
C HIS A 59 -8.92 5.73 -6.05
N ALA A 60 -9.74 5.08 -6.87
CA ALA A 60 -10.55 3.92 -6.46
C ALA A 60 -10.61 3.00 -7.65
N TYR A 61 -10.61 1.69 -7.40
CA TYR A 61 -10.67 0.73 -8.51
C TYR A 61 -11.97 0.92 -9.26
N ALA A 62 -11.94 0.58 -10.54
CA ALA A 62 -13.06 0.71 -11.44
C ALA A 62 -13.97 -0.49 -11.47
N PHE A 63 -13.62 -1.52 -10.71
CA PHE A 63 -14.38 -2.78 -10.65
C PHE A 63 -14.77 -3.02 -9.19
N PRO A 64 -15.91 -3.71 -8.97
CA PRO A 64 -16.37 -3.98 -7.62
C PRO A 64 -15.31 -4.70 -6.82
N PRO A 65 -15.17 -4.37 -5.53
CA PRO A 65 -15.93 -3.37 -4.76
C PRO A 65 -15.55 -1.89 -4.84
N TYR A 66 -14.83 -1.51 -5.88
CA TYR A 66 -14.49 -0.11 -6.07
C TYR A 66 -13.70 0.44 -4.90
N LYS A 67 -12.80 -0.38 -4.37
CA LYS A 67 -12.07 0.05 -3.20
C LYS A 67 -11.22 1.30 -3.44
N ILE A 68 -11.25 2.21 -2.49
CA ILE A 68 -10.46 3.43 -2.54
C ILE A 68 -9.04 3.00 -2.18
N MET A 69 -8.06 3.54 -2.90
CA MET A 69 -6.66 3.17 -2.66
C MET A 69 -6.18 3.68 -1.31
N ASP A 70 -5.43 2.84 -0.61
CA ASP A 70 -4.95 3.12 0.73
C ASP A 70 -4.17 4.40 0.91
N ARG A 71 -3.23 4.65 0.03
CA ARG A 71 -2.40 5.85 0.13
C ARG A 71 -3.29 7.08 0.02
N PHE A 72 -4.25 7.06 -0.92
CA PHE A 72 -5.11 8.23 -1.05
C PHE A 72 -5.98 8.45 0.16
N PHE A 73 -6.56 7.39 0.70
CA PHE A 73 -7.40 7.52 1.88
C PHE A 73 -6.58 8.11 3.02
N LYS A 74 -5.31 7.68 3.13
CA LYS A 74 -4.42 8.16 4.18
C LYS A 74 -4.20 9.66 4.01
N ARG A 75 -4.04 10.09 2.77
CA ARG A 75 -3.84 11.51 2.48
C ARG A 75 -5.09 12.31 2.90
N VAL A 76 -6.27 11.85 2.53
CA VAL A 76 -7.47 12.56 2.92
C VAL A 76 -7.58 12.58 4.45
N ASP A 77 -7.26 11.47 5.14
CA ASP A 77 -7.33 11.48 6.61
C ASP A 77 -6.49 12.64 7.18
N GLU A 78 -5.30 12.76 6.65
CA GLU A 78 -4.33 13.75 7.07
C GLU A 78 -4.81 15.21 6.84
N VAL A 79 -5.49 15.45 5.74
CA VAL A 79 -6.01 16.77 5.44
C VAL A 79 -7.16 17.10 6.40
N ILE A 80 -8.10 16.18 6.55
CA ILE A 80 -9.22 16.40 7.45
C ILE A 80 -8.78 16.60 8.89
N ASN A 81 -7.85 15.76 9.34
CA ASN A 81 -7.38 15.89 10.70
C ASN A 81 -6.56 17.16 10.89
N GLY A 82 -5.81 17.58 9.88
CA GLY A 82 -5.07 18.83 10.01
C GLY A 82 -6.04 19.98 10.23
N ALA A 83 -7.17 19.99 9.51
CA ALA A 83 -8.13 21.10 9.70
C ALA A 83 -8.79 21.03 11.07
N LEU A 84 -9.26 19.84 11.46
CA LEU A 84 -9.88 19.68 12.74
C LEU A 84 -8.99 20.11 13.90
N LYS A 85 -7.69 19.91 13.76
CA LYS A 85 -6.73 20.27 14.81
C LYS A 85 -6.79 21.78 15.13
N ARG A 86 -7.09 22.59 14.12
CA ARG A 86 -7.16 24.04 14.29
C ARG A 86 -8.55 24.45 14.71
N GLY A 87 -9.44 23.49 14.87
CA GLY A 87 -10.77 23.89 15.26
C GLY A 87 -11.66 24.33 14.09
N LEU A 88 -11.25 24.01 12.88
CA LEU A 88 -12.01 24.34 11.67
C LEU A 88 -12.97 23.21 11.41
N ALA A 89 -14.17 23.54 10.93
CA ALA A 89 -15.12 22.49 10.55
C ALA A 89 -14.67 22.11 9.15
N VAL A 90 -15.12 20.95 8.67
CA VAL A 90 -14.68 20.49 7.39
C VAL A 90 -15.77 19.94 6.53
N VAL A 91 -15.75 20.36 5.27
CA VAL A 91 -16.69 19.82 4.31
C VAL A 91 -15.92 18.98 3.27
N ILE A 92 -16.25 17.70 3.13
CA ILE A 92 -15.59 16.91 2.09
C ILE A 92 -16.67 16.50 1.08
N ASN A 93 -16.27 16.25 -0.15
CA ASN A 93 -17.28 15.85 -1.13
C ASN A 93 -16.71 14.85 -2.11
N ILE A 94 -17.46 14.52 -3.13
CA ILE A 94 -17.06 13.85 -4.30
C ILE A 94 -17.15 14.91 -5.43
N HIS A 95 -16.02 15.13 -6.06
CA HIS A 95 -15.75 16.19 -7.01
C HIS A 95 -15.11 15.69 -8.33
N HIS A 96 -15.54 16.26 -9.42
CA HIS A 96 -15.07 15.90 -10.73
C HIS A 96 -15.16 14.40 -11.03
N TYR A 97 -16.31 13.81 -10.82
CA TYR A 97 -16.53 12.50 -11.25
C TYR A 97 -17.20 12.55 -12.63
N GLU A 98 -16.50 12.95 -13.65
CA GLU A 98 -17.17 13.18 -14.91
C GLU A 98 -17.92 12.00 -15.55
N GLU A 99 -17.36 10.80 -15.45
CA GLU A 99 -17.99 9.62 -16.02
C GLU A 99 -19.41 9.48 -15.46
N LEU A 100 -19.59 9.80 -14.17
CA LEU A 100 -20.92 9.72 -13.47
C LEU A 100 -21.92 10.66 -14.11
N MET A 101 -21.49 11.89 -14.40
CA MET A 101 -22.35 12.86 -15.02
C MET A 101 -22.77 12.45 -16.41
N ASN A 102 -21.86 11.81 -17.12
CA ASN A 102 -22.12 11.44 -18.50
C ASN A 102 -22.91 10.14 -18.64
N ASP A 103 -22.74 9.24 -17.68
CA ASP A 103 -23.44 7.95 -17.69
C ASP A 103 -23.76 7.59 -16.23
N PRO A 104 -24.82 8.18 -15.67
CA PRO A 104 -25.19 7.92 -14.29
C PRO A 104 -25.61 6.49 -13.99
N GLU A 105 -26.10 5.77 -14.98
CA GLU A 105 -26.50 4.38 -14.76
C GLU A 105 -25.29 3.48 -14.56
N GLU A 106 -24.34 3.58 -15.48
CA GLU A 106 -23.18 2.74 -15.42
C GLU A 106 -22.33 2.99 -14.18
N HIS A 107 -22.23 4.25 -13.75
CA HIS A 107 -21.42 4.59 -12.59
C HIS A 107 -22.13 4.68 -11.24
N LYS A 108 -23.43 4.43 -11.22
CA LYS A 108 -24.15 4.52 -9.95
C LYS A 108 -23.60 3.62 -8.85
N GLU A 109 -23.37 2.34 -9.14
CA GLU A 109 -22.87 1.44 -8.10
C GLU A 109 -21.50 1.92 -7.57
N ARG A 110 -20.61 2.31 -8.46
CA ARG A 110 -19.30 2.79 -8.00
C ARG A 110 -19.49 4.01 -7.12
N PHE A 111 -20.26 5.00 -7.56
CA PHE A 111 -20.45 6.21 -6.75
C PHE A 111 -20.99 5.88 -5.36
N LEU A 112 -22.02 5.04 -5.27
CA LEU A 112 -22.52 4.74 -3.94
C LEU A 112 -21.54 3.95 -3.11
N ALA A 113 -20.70 3.15 -3.75
CA ALA A 113 -19.70 2.33 -3.07
C ALA A 113 -18.64 3.29 -2.52
N LEU A 114 -18.37 4.36 -3.26
CA LEU A 114 -17.43 5.35 -2.69
C LEU A 114 -18.03 5.88 -1.36
N TRP A 115 -19.31 6.28 -1.37
CA TRP A 115 -19.89 6.79 -0.15
C TRP A 115 -19.96 5.78 0.97
N LYS A 116 -20.18 4.51 0.62
CA LYS A 116 -20.22 3.47 1.63
C LYS A 116 -18.88 3.48 2.35
N GLN A 117 -17.80 3.55 1.57
CA GLN A 117 -16.45 3.54 2.10
C GLN A 117 -16.12 4.79 2.90
N ILE A 118 -16.46 5.97 2.36
CA ILE A 118 -16.19 7.23 3.04
C ILE A 118 -17.00 7.35 4.34
N ALA A 119 -18.30 7.08 4.29
CA ALA A 119 -19.09 7.11 5.52
C ALA A 119 -18.46 6.17 6.57
N ASP A 120 -18.08 4.96 6.16
CA ASP A 120 -17.47 3.98 7.04
C ASP A 120 -16.20 4.52 7.68
N ARG A 121 -15.39 5.19 6.87
CA ARG A 121 -14.12 5.74 7.31
C ARG A 121 -14.25 6.83 8.36
N TYR A 122 -15.24 7.69 8.17
CA TYR A 122 -15.40 8.85 9.03
C TYR A 122 -16.63 8.88 9.94
N LYS A 123 -17.36 7.76 10.02
CA LYS A 123 -18.56 7.79 10.85
C LYS A 123 -18.29 8.19 12.32
N ASP A 124 -17.09 7.93 12.83
CA ASP A 124 -16.81 8.28 14.21
C ASP A 124 -16.01 9.57 14.37
N TYR A 125 -15.80 10.28 13.26
CA TYR A 125 -15.12 11.56 13.35
C TYR A 125 -16.08 12.57 13.97
N PRO A 126 -15.55 13.73 14.41
CA PRO A 126 -16.33 14.80 15.03
C PRO A 126 -17.56 15.22 14.24
N GLU A 127 -18.55 15.80 14.90
CA GLU A 127 -19.73 16.27 14.18
C GLU A 127 -19.44 17.58 13.41
N THR A 128 -18.19 18.02 13.43
CA THR A 128 -17.83 19.22 12.69
C THR A 128 -17.32 18.87 11.26
N LEU A 129 -17.45 17.59 10.87
CA LEU A 129 -17.09 17.13 9.54
C LEU A 129 -18.45 16.98 8.87
N PHE A 130 -18.59 17.43 7.63
CA PHE A 130 -19.85 17.39 6.84
C PHE A 130 -19.64 16.60 5.55
N PHE A 131 -20.64 15.83 5.11
CA PHE A 131 -20.49 15.01 3.91
C PHE A 131 -21.30 15.65 2.80
N GLU A 132 -20.63 16.09 1.75
CA GLU A 132 -21.31 16.71 0.61
C GLU A 132 -21.35 15.68 -0.51
N ILE A 133 -22.55 15.17 -0.76
CA ILE A 133 -22.77 14.14 -1.74
C ILE A 133 -22.10 14.17 -3.06
N LEU A 134 -22.33 15.22 -3.83
CA LEU A 134 -21.74 15.31 -5.14
C LEU A 134 -21.67 16.77 -5.59
N ASN A 135 -20.47 17.16 -5.95
CA ASN A 135 -20.27 18.52 -6.46
C ASN A 135 -20.86 18.68 -7.89
N GLU A 136 -21.71 19.69 -8.05
CA GLU A 136 -22.35 20.09 -9.29
C GLU A 136 -22.86 19.03 -10.25
N PRO A 137 -23.84 18.31 -9.85
CA PRO A 137 -24.39 17.34 -10.74
C PRO A 137 -24.83 17.99 -12.05
N HIS A 138 -24.59 17.38 -13.17
CA HIS A 138 -24.97 17.88 -14.47
C HIS A 138 -24.98 16.92 -15.66
N GLY A 139 -25.42 17.39 -16.81
CA GLY A 139 -25.44 16.70 -18.03
C GLY A 139 -26.43 15.54 -18.02
N ASN A 140 -26.03 14.39 -18.36
CA ASN A 140 -26.95 13.25 -18.35
C ASN A 140 -27.47 12.93 -16.97
N LEU A 141 -26.77 13.41 -15.93
CA LEU A 141 -27.32 13.26 -14.59
C LEU A 141 -28.23 14.49 -14.47
N THR A 142 -29.45 14.32 -15.01
CA THR A 142 -30.52 15.33 -15.02
C THR A 142 -31.11 15.58 -13.62
N PRO A 143 -31.93 16.62 -13.48
CA PRO A 143 -32.51 16.90 -12.16
C PRO A 143 -33.35 15.68 -11.67
N GLU A 144 -34.05 15.00 -12.57
CA GLU A 144 -34.85 13.85 -12.14
C GLU A 144 -33.95 12.70 -11.71
N LYS A 145 -32.92 12.40 -12.51
CA LYS A 145 -32.02 11.31 -12.14
C LYS A 145 -31.21 11.62 -10.87
N TRP A 146 -30.92 12.90 -10.65
CA TRP A 146 -30.21 13.34 -9.44
C TRP A 146 -31.12 13.09 -8.19
N ASN A 147 -32.43 13.33 -8.28
CA ASN A 147 -33.28 13.12 -7.12
C ASN A 147 -33.28 11.68 -6.72
N GLU A 148 -33.17 10.78 -7.68
CA GLU A 148 -33.13 9.36 -7.35
C GLU A 148 -31.76 9.05 -6.79
N LEU A 149 -30.72 9.55 -7.45
CA LEU A 149 -29.35 9.27 -6.99
C LEU A 149 -29.10 9.75 -5.56
N LEU A 150 -29.46 11.01 -5.27
CA LEU A 150 -29.24 11.56 -3.94
C LEU A 150 -30.01 10.78 -2.88
N GLU A 151 -31.21 10.30 -3.18
CA GLU A 151 -31.90 9.54 -2.15
C GLU A 151 -31.20 8.18 -1.94
N GLU A 152 -30.65 7.56 -2.98
CA GLU A 152 -29.91 6.30 -2.80
C GLU A 152 -28.69 6.57 -1.94
N ALA A 153 -28.08 7.74 -2.14
CA ALA A 153 -26.86 8.09 -1.42
C ALA A 153 -27.13 8.32 0.05
N LEU A 154 -28.23 8.95 0.36
CA LEU A 154 -28.61 9.19 1.73
C LEU A 154 -28.87 7.83 2.35
N LYS A 155 -29.51 6.94 1.62
CA LYS A 155 -29.77 5.64 2.20
C LYS A 155 -28.47 4.91 2.52
N VAL A 156 -27.52 4.94 1.61
CA VAL A 156 -26.24 4.27 1.79
C VAL A 156 -25.50 4.86 2.99
N ILE A 157 -25.46 6.18 3.05
CA ILE A 157 -24.78 6.84 4.16
C ILE A 157 -25.47 6.65 5.52
N ARG A 158 -26.77 6.86 5.55
CA ARG A 158 -27.50 6.77 6.79
C ARG A 158 -27.56 5.36 7.36
N SER A 159 -27.33 4.36 6.52
CA SER A 159 -27.35 2.98 7.01
C SER A 159 -26.07 2.80 7.85
N ILE A 160 -25.13 3.72 7.71
CA ILE A 160 -23.85 3.59 8.39
C ILE A 160 -23.62 4.66 9.44
N ASP A 161 -24.01 5.88 9.08
CA ASP A 161 -23.79 7.08 9.88
C ASP A 161 -25.05 7.94 10.00
N LYS A 162 -25.69 7.96 11.17
CA LYS A 162 -26.89 8.79 11.36
C LYS A 162 -26.56 10.07 12.14
N LYS A 163 -25.25 10.35 12.30
CA LYS A 163 -24.80 11.51 13.05
C LYS A 163 -24.39 12.76 12.24
N HIS A 164 -23.56 12.56 11.22
CA HIS A 164 -23.10 13.68 10.42
C HIS A 164 -24.13 14.29 9.50
N THR A 165 -24.07 15.61 9.41
CA THR A 165 -24.97 16.35 8.55
C THR A 165 -24.50 16.14 7.11
N ILE A 166 -25.45 15.87 6.22
CA ILE A 166 -25.13 15.61 4.82
C ILE A 166 -25.49 16.89 4.04
N ILE A 167 -24.68 17.26 3.04
CA ILE A 167 -24.93 18.46 2.23
C ILE A 167 -25.37 18.04 0.83
N ILE A 168 -26.53 18.54 0.38
CA ILE A 168 -27.11 18.16 -0.88
C ILE A 168 -27.19 19.28 -1.86
N GLY A 169 -26.60 19.10 -3.06
CA GLY A 169 -26.58 20.17 -4.04
C GLY A 169 -27.72 20.07 -5.03
N THR A 170 -27.69 20.94 -6.02
CA THR A 170 -28.69 20.98 -7.10
C THR A 170 -28.09 20.49 -8.43
N ALA A 171 -28.98 20.08 -9.34
CA ALA A 171 -28.54 19.59 -10.64
C ALA A 171 -28.26 20.77 -11.59
N GLU A 172 -28.18 20.53 -12.89
CA GLU A 172 -27.82 21.57 -13.88
C GLU A 172 -26.62 22.41 -13.49
N TRP A 173 -25.58 21.73 -13.01
CA TRP A 173 -24.32 22.35 -12.57
C TRP A 173 -24.35 22.99 -11.18
N GLY A 174 -25.38 22.62 -10.40
CA GLY A 174 -25.47 23.07 -9.01
C GLY A 174 -25.86 24.51 -8.65
N GLY A 175 -26.33 25.31 -9.60
CA GLY A 175 -26.73 26.69 -9.29
C GLY A 175 -28.22 26.78 -8.96
N ILE A 176 -28.86 27.88 -9.34
CA ILE A 176 -30.27 28.03 -9.05
C ILE A 176 -31.23 27.40 -10.06
N SER A 177 -30.74 27.15 -11.27
CA SER A 177 -31.51 26.64 -12.41
C SER A 177 -32.46 25.52 -12.08
N ALA A 178 -31.94 24.53 -11.35
CA ALA A 178 -32.75 23.37 -11.02
C ALA A 178 -33.19 23.31 -9.58
N LEU A 179 -33.07 24.42 -8.86
CA LEU A 179 -33.49 24.41 -7.47
C LEU A 179 -34.94 23.97 -7.26
N GLU A 180 -35.88 24.46 -8.09
CA GLU A 180 -37.27 24.08 -7.91
C GLU A 180 -37.49 22.58 -8.12
N LYS A 181 -36.62 21.95 -8.91
CA LYS A 181 -36.75 20.52 -9.18
C LYS A 181 -36.21 19.58 -8.11
N LEU A 182 -35.45 20.12 -7.18
CA LEU A 182 -34.85 19.34 -6.09
C LEU A 182 -35.78 18.73 -5.07
N SER A 183 -35.66 17.44 -4.85
CA SER A 183 -36.52 16.82 -3.85
C SER A 183 -35.64 16.11 -2.85
N VAL A 184 -35.67 16.57 -1.60
CA VAL A 184 -34.91 15.97 -0.50
C VAL A 184 -35.93 15.12 0.28
N PRO A 185 -35.69 13.80 0.37
CA PRO A 185 -36.60 12.90 1.08
C PRO A 185 -37.09 13.45 2.41
N LYS A 186 -38.40 13.38 2.62
CA LYS A 186 -39.00 13.85 3.87
C LYS A 186 -38.40 13.12 5.07
N TRP A 187 -38.04 11.86 4.88
CA TRP A 187 -37.50 11.04 5.96
C TRP A 187 -36.11 11.45 6.44
N GLU A 188 -35.40 12.21 5.60
CA GLU A 188 -34.05 12.66 5.97
C GLU A 188 -34.21 14.03 6.55
N LYS A 189 -33.75 14.25 7.78
CA LYS A 189 -33.88 15.59 8.40
C LYS A 189 -32.63 16.23 9.01
N ASN A 190 -31.45 15.77 8.58
CA ASN A 190 -30.18 16.35 9.05
C ASN A 190 -29.32 16.61 7.80
N SER A 191 -29.88 17.38 6.89
CA SER A 191 -29.20 17.73 5.68
C SER A 191 -29.28 19.23 5.45
N ILE A 192 -28.26 19.73 4.76
CA ILE A 192 -28.17 21.15 4.40
C ILE A 192 -28.18 21.17 2.87
N VAL A 193 -28.87 22.14 2.27
CA VAL A 193 -28.95 22.24 0.82
C VAL A 193 -27.88 23.22 0.35
N THR A 194 -27.13 22.85 -0.67
CA THR A 194 -26.07 23.75 -1.13
C THR A 194 -26.31 24.24 -2.54
N ILE A 195 -25.98 25.52 -2.74
CA ILE A 195 -26.14 26.19 -4.01
C ILE A 195 -24.77 26.84 -4.30
N HIS A 196 -24.33 26.84 -5.56
CA HIS A 196 -23.04 27.49 -5.92
C HIS A 196 -23.52 28.73 -6.64
N TYR A 197 -22.84 29.86 -6.46
CA TYR A 197 -23.34 31.08 -7.09
C TYR A 197 -22.23 31.79 -7.81
N TYR A 198 -22.36 31.92 -9.13
CA TYR A 198 -21.32 32.57 -9.90
C TYR A 198 -21.96 33.54 -10.87
N ASN A 199 -23.22 33.93 -10.63
CA ASN A 199 -23.90 34.84 -11.57
C ASN A 199 -23.52 36.30 -11.30
N PRO A 200 -23.32 37.08 -12.37
CA PRO A 200 -23.41 36.74 -13.78
C PRO A 200 -22.27 35.84 -14.21
N PHE A 201 -22.61 34.67 -14.74
CA PHE A 201 -21.56 33.72 -15.11
C PHE A 201 -20.51 34.34 -16.00
N GLU A 202 -20.97 35.15 -16.95
CA GLU A 202 -20.07 35.84 -17.89
C GLU A 202 -19.02 36.73 -17.16
N PHE A 203 -19.45 37.30 -16.04
CA PHE A 203 -18.57 38.14 -15.24
C PHE A 203 -17.57 37.29 -14.43
N THR A 204 -18.11 36.30 -13.71
CA THR A 204 -17.28 35.48 -12.87
C THR A 204 -16.31 34.58 -13.57
N HIS A 205 -16.69 34.06 -14.70
CA HIS A 205 -15.81 33.23 -15.45
C HIS A 205 -15.13 33.82 -16.70
N GLN A 206 -15.18 35.12 -16.87
CA GLN A 206 -14.64 35.70 -18.09
C GLN A 206 -13.19 35.21 -18.24
N GLY A 207 -12.85 34.77 -19.46
CA GLY A 207 -11.50 34.30 -19.75
C GLY A 207 -11.07 32.97 -19.14
N ALA A 208 -12.00 32.22 -18.53
CA ALA A 208 -11.68 30.92 -17.93
C ALA A 208 -11.33 29.93 -19.06
N GLU A 209 -10.11 29.42 -19.01
CA GLU A 209 -9.59 28.50 -19.99
C GLU A 209 -10.45 27.23 -20.13
N TRP A 210 -11.06 26.80 -19.04
CA TRP A 210 -11.86 25.59 -19.02
C TRP A 210 -13.31 25.78 -19.45
N VAL A 211 -13.65 26.99 -19.89
CA VAL A 211 -15.03 27.23 -20.32
C VAL A 211 -14.97 27.73 -21.73
N GLU A 212 -15.55 26.94 -22.63
CA GLU A 212 -15.59 27.22 -24.05
C GLU A 212 -16.27 28.55 -24.31
N GLY A 213 -15.62 29.40 -25.09
CA GLY A 213 -16.20 30.69 -25.44
C GLY A 213 -16.15 31.80 -24.42
N SER A 214 -15.48 31.56 -23.31
CA SER A 214 -15.38 32.56 -22.25
C SER A 214 -14.52 33.77 -22.61
N GLU A 215 -13.69 33.64 -23.65
CA GLU A 215 -12.83 34.77 -24.04
C GLU A 215 -13.63 35.95 -24.58
N LYS A 216 -14.89 35.71 -24.93
CA LYS A 216 -15.81 36.75 -25.45
C LYS A 216 -16.40 37.59 -24.29
N TRP A 217 -16.33 37.06 -23.07
CA TRP A 217 -16.85 37.77 -21.89
C TRP A 217 -15.80 38.66 -21.24
N LEU A 218 -14.55 38.51 -21.63
CA LEU A 218 -13.46 39.27 -21.05
C LEU A 218 -13.79 40.77 -21.00
N GLY A 219 -13.50 41.41 -19.86
CA GLY A 219 -13.75 42.85 -19.66
C GLY A 219 -15.10 43.18 -19.01
N ARG A 220 -15.92 42.18 -18.79
CA ARG A 220 -17.21 42.46 -18.17
C ARG A 220 -17.03 42.98 -16.75
N LYS A 221 -17.81 43.99 -16.37
CA LYS A 221 -17.72 44.52 -15.02
C LYS A 221 -18.95 44.22 -14.19
N TRP A 222 -18.93 44.64 -12.93
CA TRP A 222 -20.05 44.39 -12.04
C TRP A 222 -20.14 45.45 -10.92
N GLY A 223 -21.37 45.81 -10.53
CA GLY A 223 -21.53 46.79 -9.46
C GLY A 223 -22.73 47.73 -9.45
N SER A 224 -23.40 47.91 -10.58
CA SER A 224 -24.55 48.80 -10.72
C SER A 224 -25.74 48.46 -9.83
N PRO A 225 -26.57 49.46 -9.55
CA PRO A 225 -27.74 49.19 -8.71
C PRO A 225 -28.54 48.07 -9.38
N ASP A 226 -28.52 48.12 -10.72
CA ASP A 226 -29.18 47.17 -11.64
C ASP A 226 -28.67 45.76 -11.28
N ASP A 227 -27.35 45.59 -11.34
CA ASP A 227 -26.68 44.34 -10.98
C ASP A 227 -27.15 43.83 -9.61
N GLN A 228 -27.14 44.72 -8.62
CA GLN A 228 -27.50 44.36 -7.28
C GLN A 228 -28.92 43.80 -7.17
N LYS A 229 -29.86 44.42 -7.90
CA LYS A 229 -31.27 43.99 -7.85
C LYS A 229 -31.43 42.58 -8.41
N HIS A 230 -30.72 42.33 -9.51
CA HIS A 230 -30.75 41.05 -10.18
C HIS A 230 -30.34 39.94 -9.16
N LEU A 231 -29.24 40.19 -8.44
CA LEU A 231 -28.73 39.24 -7.42
C LEU A 231 -29.69 39.04 -6.24
N ILE A 232 -30.24 40.11 -5.69
CA ILE A 232 -31.17 39.97 -4.58
C ILE A 232 -32.39 39.13 -4.98
N GLU A 233 -32.85 39.34 -6.21
CA GLU A 233 -33.99 38.63 -6.74
C GLU A 233 -33.70 37.16 -6.71
N GLU A 234 -32.50 36.80 -7.16
CA GLU A 234 -32.12 35.38 -7.21
C GLU A 234 -31.97 34.81 -5.79
N PHE A 235 -31.37 35.56 -4.89
CA PHE A 235 -31.23 35.11 -3.51
C PHE A 235 -32.58 34.98 -2.77
N ASN A 236 -33.53 35.85 -3.12
CA ASN A 236 -34.83 35.78 -2.48
C ASN A 236 -35.53 34.50 -2.92
N PHE A 237 -35.26 34.10 -4.16
CA PHE A 237 -35.83 32.90 -4.73
C PHE A 237 -35.27 31.74 -3.89
N ILE A 238 -33.96 31.77 -3.65
CA ILE A 238 -33.36 30.70 -2.85
C ILE A 238 -33.98 30.69 -1.44
N GLU A 239 -34.06 31.88 -0.86
CA GLU A 239 -34.57 32.03 0.49
C GLU A 239 -36.01 31.52 0.61
N GLU A 240 -36.84 31.91 -0.37
CA GLU A 240 -38.22 31.46 -0.33
C GLU A 240 -38.30 29.93 -0.47
N TRP A 241 -37.42 29.35 -1.31
CA TRP A 241 -37.39 27.89 -1.52
C TRP A 241 -37.06 27.27 -0.17
N SER A 242 -36.07 27.89 0.47
CA SER A 242 -35.58 27.47 1.79
C SER A 242 -36.65 27.48 2.89
N LYS A 243 -37.43 28.54 2.92
CA LYS A 243 -38.48 28.69 3.92
C LYS A 243 -39.57 27.65 3.64
N LYS A 244 -39.91 27.47 2.37
CA LYS A 244 -40.94 26.52 2.01
C LYS A 244 -40.52 25.09 2.31
N ASN A 245 -39.31 24.73 1.91
CA ASN A 245 -38.88 23.36 2.14
C ASN A 245 -38.21 23.10 3.46
N LYS A 246 -38.09 24.17 4.26
CA LYS A 246 -37.47 24.13 5.60
C LYS A 246 -36.12 23.39 5.65
N ARG A 247 -35.18 23.86 4.82
CA ARG A 247 -33.83 23.30 4.72
C ARG A 247 -32.84 24.48 4.81
N PRO A 248 -31.73 24.31 5.54
CA PRO A 248 -30.74 25.41 5.64
C PRO A 248 -30.02 25.51 4.29
N ILE A 249 -29.40 26.66 4.04
CA ILE A 249 -28.72 26.89 2.77
C ILE A 249 -27.23 27.18 3.00
N TYR A 250 -26.41 26.60 2.14
CA TYR A 250 -24.94 26.75 2.15
C TYR A 250 -24.54 27.09 0.75
N ILE A 251 -23.89 28.23 0.57
CA ILE A 251 -23.42 28.60 -0.75
C ILE A 251 -21.99 28.06 -0.78
N GLY A 252 -21.87 26.77 -1.12
CA GLY A 252 -20.57 26.11 -1.07
C GLY A 252 -19.42 26.58 -1.94
N ALA A 253 -19.72 27.38 -2.94
CA ALA A 253 -18.70 27.92 -3.81
C ALA A 253 -19.27 29.13 -4.52
N PHE A 254 -18.44 30.18 -4.56
CA PHE A 254 -18.79 31.43 -5.20
C PHE A 254 -17.45 32.20 -5.29
N GLY A 255 -17.27 32.98 -6.35
CA GLY A 255 -16.03 33.70 -6.55
C GLY A 255 -15.98 34.18 -7.99
N ALA A 256 -15.05 35.09 -8.29
CA ALA A 256 -14.92 35.64 -9.62
C ALA A 256 -13.44 35.45 -9.94
N TYR A 257 -13.21 34.95 -11.15
CA TYR A 257 -11.88 34.63 -11.70
C TYR A 257 -10.94 35.84 -11.77
N ARG A 258 -9.64 35.59 -11.70
CA ARG A 258 -8.67 36.67 -11.68
C ARG A 258 -8.60 37.58 -12.88
N LYS A 259 -9.08 37.11 -14.03
CA LYS A 259 -9.10 37.96 -15.23
C LYS A 259 -10.14 39.06 -15.17
N ALA A 260 -11.06 39.00 -14.21
CA ALA A 260 -12.09 40.04 -14.04
C ALA A 260 -11.44 41.24 -13.36
N ASP A 261 -11.81 42.48 -13.72
CA ASP A 261 -11.15 43.62 -13.07
C ASP A 261 -11.28 43.50 -11.55
N LEU A 262 -10.18 43.79 -10.88
CA LEU A 262 -10.09 43.70 -9.42
C LEU A 262 -11.19 44.37 -8.63
N GLU A 263 -11.50 45.62 -8.96
CA GLU A 263 -12.55 46.32 -8.22
C GLU A 263 -13.94 45.67 -8.37
N SER A 264 -14.24 45.19 -9.58
CA SER A 264 -15.55 44.55 -9.82
C SER A 264 -15.63 43.27 -9.01
N ARG A 265 -14.49 42.62 -8.87
CA ARG A 265 -14.44 41.38 -8.08
C ARG A 265 -14.71 41.67 -6.61
N ILE A 266 -14.07 42.71 -6.11
CA ILE A 266 -14.27 43.07 -4.73
C ILE A 266 -15.69 43.51 -4.45
N LYS A 267 -16.28 44.27 -5.37
CA LYS A 267 -17.66 44.71 -5.19
C LYS A 267 -18.63 43.52 -5.27
N TRP A 268 -18.36 42.60 -6.21
CA TRP A 268 -19.23 41.42 -6.41
C TRP A 268 -19.09 40.54 -5.18
N THR A 269 -17.87 40.32 -4.72
CA THR A 269 -17.68 39.45 -3.54
C THR A 269 -18.23 39.97 -2.22
N SER A 270 -18.02 41.27 -1.95
CA SER A 270 -18.51 41.82 -0.70
C SER A 270 -20.05 41.86 -0.68
N PHE A 271 -20.64 42.17 -1.84
CA PHE A 271 -22.11 42.25 -1.94
C PHE A 271 -22.68 40.86 -1.72
N VAL A 272 -22.13 39.89 -2.46
CA VAL A 272 -22.59 38.50 -2.32
C VAL A 272 -22.48 38.08 -0.85
N VAL A 273 -21.35 38.31 -0.19
CA VAL A 273 -21.23 37.96 1.23
C VAL A 273 -22.26 38.64 2.19
N ARG A 274 -22.45 39.97 2.03
CA ARG A 274 -23.41 40.64 2.88
C ARG A 274 -24.82 40.08 2.65
N GLU A 275 -25.21 39.85 1.39
CA GLU A 275 -26.55 39.32 1.10
C GLU A 275 -26.73 37.91 1.62
N MET A 276 -25.67 37.12 1.56
CA MET A 276 -25.79 35.75 2.09
C MET A 276 -25.91 35.81 3.60
N GLU A 277 -25.11 36.68 4.20
CA GLU A 277 -25.17 36.82 5.65
C GLU A 277 -26.55 37.34 6.11
N LYS A 278 -27.16 38.25 5.36
CA LYS A 278 -28.46 38.74 5.79
C LYS A 278 -29.44 37.57 5.82
N ARG A 279 -29.25 36.60 4.92
CA ARG A 279 -30.16 35.47 4.88
C ARG A 279 -29.71 34.34 5.80
N ARG A 280 -28.60 34.60 6.49
CA ARG A 280 -28.07 33.69 7.51
C ARG A 280 -27.58 32.35 6.94
N TRP A 281 -27.09 32.44 5.71
CA TRP A 281 -26.56 31.29 4.99
C TRP A 281 -25.07 31.12 5.28
N SER A 282 -24.63 29.87 5.33
CA SER A 282 -23.21 29.56 5.50
C SER A 282 -22.65 29.68 4.07
N TRP A 283 -21.33 29.77 3.95
CA TRP A 283 -20.78 29.88 2.62
C TRP A 283 -19.29 29.51 2.57
N ALA A 284 -18.78 29.22 1.38
CA ALA A 284 -17.37 28.92 1.22
C ALA A 284 -16.85 29.57 -0.04
N TYR A 285 -15.88 30.44 0.15
CA TYR A 285 -15.34 31.11 -1.03
C TYR A 285 -14.54 30.23 -1.98
N TRP A 286 -14.66 30.43 -3.31
CA TRP A 286 -13.87 29.70 -4.30
C TRP A 286 -12.84 30.71 -4.86
N GLU A 287 -11.57 30.59 -4.53
CA GLU A 287 -11.05 29.54 -3.65
C GLU A 287 -9.79 30.12 -3.02
N PHE A 288 -9.17 29.36 -2.12
CA PHE A 288 -8.02 29.81 -1.35
C PHE A 288 -6.80 30.45 -2.01
N CYS A 289 -6.11 29.71 -2.86
CA CYS A 289 -4.86 30.24 -3.38
C CYS A 289 -4.52 29.99 -4.84
N SER A 290 -5.54 29.82 -5.67
CA SER A 290 -5.22 29.54 -7.06
C SER A 290 -5.77 30.67 -7.92
N GLY A 291 -6.34 30.33 -9.08
CA GLY A 291 -6.87 31.33 -10.01
C GLY A 291 -7.97 32.30 -9.56
N PHE A 292 -8.68 31.97 -8.47
CA PHE A 292 -9.74 32.82 -7.89
C PHE A 292 -9.22 33.23 -6.48
N GLY A 293 -7.96 32.88 -6.21
CA GLY A 293 -7.41 33.08 -4.87
C GLY A 293 -7.35 34.41 -4.14
N VAL A 294 -7.36 34.31 -2.82
CA VAL A 294 -7.26 35.50 -2.00
C VAL A 294 -5.96 35.50 -1.20
N TYR A 295 -5.24 34.39 -1.24
CA TYR A 295 -3.99 34.24 -0.52
C TYR A 295 -2.89 33.77 -1.45
N ASP A 296 -1.72 34.40 -1.34
CA ASP A 296 -0.57 34.02 -2.17
C ASP A 296 0.25 33.09 -1.29
N THR A 297 0.39 31.83 -1.68
CA THR A 297 1.11 30.89 -0.83
C THR A 297 2.60 31.04 -0.84
N LEU A 298 3.12 31.64 -1.90
CA LEU A 298 4.57 31.85 -1.99
C LEU A 298 5.02 33.00 -1.07
N ARG A 299 4.42 34.18 -1.26
CA ARG A 299 4.77 35.36 -0.47
C ARG A 299 4.11 35.31 0.92
N LYS A 300 3.05 34.50 1.03
CA LYS A 300 2.33 34.34 2.29
C LYS A 300 1.63 35.59 2.72
N THR A 301 0.94 36.17 1.76
CA THR A 301 0.22 37.37 2.02
C THR A 301 -1.14 37.25 1.42
N TRP A 302 -2.11 37.91 2.04
CA TRP A 302 -3.46 37.91 1.53
C TRP A 302 -3.70 39.15 0.66
N ASN A 303 -4.78 39.10 -0.10
CA ASN A 303 -5.20 40.25 -0.87
C ASN A 303 -6.14 40.85 0.20
N LYS A 304 -5.64 41.89 0.87
CA LYS A 304 -6.37 42.55 1.94
C LYS A 304 -7.78 42.92 1.64
N ASP A 305 -7.97 43.56 0.47
CA ASP A 305 -9.25 44.06 0.02
C ASP A 305 -10.22 42.92 -0.21
N LEU A 306 -9.73 41.83 -0.78
CA LEU A 306 -10.61 40.70 -1.05
C LEU A 306 -10.90 39.97 0.24
N LEU A 307 -9.90 39.86 1.09
CA LEU A 307 -10.09 39.20 2.38
C LEU A 307 -11.11 39.98 3.22
N GLU A 308 -11.02 41.30 3.15
CA GLU A 308 -11.94 42.15 3.88
C GLU A 308 -13.38 41.97 3.37
N ALA A 309 -13.54 41.72 2.06
CA ALA A 309 -14.84 41.56 1.49
C ALA A 309 -15.46 40.31 2.04
N LEU A 310 -14.61 39.36 2.42
CA LEU A 310 -14.98 38.05 2.96
C LEU A 310 -15.13 38.08 4.48
N ILE A 311 -14.11 38.68 5.08
CA ILE A 311 -13.82 38.91 6.51
C ILE A 311 -13.42 37.74 7.43
N ASP B 4 7.99 -2.08 11.71
CA ASP B 4 9.22 -2.63 12.39
C ASP B 4 9.01 -2.27 13.86
N PRO B 5 8.78 -3.26 14.74
CA PRO B 5 8.56 -2.94 16.16
C PRO B 5 9.71 -2.21 16.81
N PHE B 6 10.94 -2.50 16.38
CA PHE B 6 12.10 -1.78 16.94
C PHE B 6 12.08 -0.29 16.53
N GLU B 7 11.53 0.02 15.35
CA GLU B 7 11.41 1.40 14.90
C GLU B 7 10.21 2.00 15.64
N ARG B 8 9.22 1.16 15.91
CA ARG B 8 8.08 1.71 16.60
C ARG B 8 8.51 2.06 18.04
N ASN B 9 9.43 1.30 18.60
CA ASN B 9 9.88 1.56 19.94
C ASN B 9 10.65 2.89 19.91
N LYS B 10 11.31 3.17 18.79
CA LYS B 10 12.04 4.43 18.67
C LYS B 10 11.04 5.56 18.63
N ILE B 11 9.92 5.32 17.98
CA ILE B 11 8.90 6.35 17.89
C ILE B 11 8.33 6.67 19.27
N LEU B 12 8.19 5.65 20.12
CA LEU B 12 7.71 5.88 21.48
C LEU B 12 8.71 6.73 22.23
N GLY B 13 9.94 6.26 22.29
CA GLY B 13 10.96 7.03 22.98
C GLY B 13 10.53 7.41 24.39
N ARG B 14 10.75 8.66 24.78
CA ARG B 14 10.41 9.16 26.12
C ARG B 14 8.92 9.45 26.28
N GLY B 15 8.30 8.91 27.32
CA GLY B 15 6.87 9.14 27.51
C GLY B 15 6.43 9.36 28.96
N ILE B 16 5.15 9.63 29.15
CA ILE B 16 4.61 9.86 30.46
C ILE B 16 3.17 9.35 30.50
N ASN B 17 2.80 8.75 31.61
CA ASN B 17 1.44 8.19 31.84
C ASN B 17 0.55 9.26 32.36
N ILE B 18 -0.69 9.32 31.86
CA ILE B 18 -1.63 10.26 32.42
C ILE B 18 -2.52 9.28 33.17
N GLY B 19 -2.09 9.01 34.41
CA GLY B 19 -2.76 8.06 35.29
C GLY B 19 -3.75 8.62 36.31
N ASN B 20 -4.49 7.68 36.93
CA ASN B 20 -5.54 8.02 37.89
C ASN B 20 -6.65 8.82 37.18
N ALA B 21 -6.82 8.51 35.91
CA ALA B 21 -7.82 9.16 35.07
C ALA B 21 -8.77 8.09 34.55
N LEU B 22 -8.55 7.64 33.32
CA LEU B 22 -9.46 6.70 32.72
C LEU B 22 -9.44 5.27 33.22
N GLU B 23 -8.50 4.92 34.10
CA GLU B 23 -8.47 3.55 34.61
C GLU B 23 -9.20 3.44 35.96
N ALA B 24 -9.76 4.57 36.41
CA ALA B 24 -10.56 4.61 37.64
C ALA B 24 -11.91 4.06 37.19
N PRO B 25 -12.80 3.71 38.14
CA PRO B 25 -14.11 3.19 37.68
C PRO B 25 -14.73 4.24 36.73
N ASN B 26 -14.65 5.53 37.10
CA ASN B 26 -15.14 6.61 36.22
C ASN B 26 -14.07 7.69 36.17
N GLU B 27 -13.86 8.31 35.02
CA GLU B 27 -12.85 9.34 34.91
C GLU B 27 -13.12 10.40 35.97
N GLY B 28 -12.09 10.79 36.71
CA GLY B 28 -12.27 11.76 37.76
C GLY B 28 -12.33 11.18 39.16
N ASP B 29 -12.83 9.94 39.32
CA ASP B 29 -12.93 9.33 40.64
C ASP B 29 -11.58 9.32 41.36
N TRP B 30 -10.50 9.10 40.62
CA TRP B 30 -9.20 9.08 41.30
C TRP B 30 -8.48 10.43 41.21
N GLY B 31 -9.25 11.47 40.93
CA GLY B 31 -8.65 12.81 40.95
C GLY B 31 -8.17 13.46 39.67
N VAL B 32 -8.08 12.69 38.60
CA VAL B 32 -7.61 13.24 37.35
C VAL B 32 -8.59 13.16 36.17
N VAL B 33 -8.76 14.30 35.50
CA VAL B 33 -9.59 14.35 34.29
C VAL B 33 -8.61 14.85 33.22
N ILE B 34 -8.58 14.16 32.08
CA ILE B 34 -7.63 14.50 31.03
C ILE B 34 -8.05 15.73 30.27
N LYS B 35 -7.40 16.83 30.67
CA LYS B 35 -7.65 18.13 30.03
C LYS B 35 -6.88 18.14 28.72
N ASP B 36 -7.53 18.62 27.65
CA ASP B 36 -6.87 18.65 26.36
C ASP B 36 -5.54 19.44 26.37
N GLU B 37 -5.45 20.48 27.18
CA GLU B 37 -4.19 21.27 27.21
C GLU B 37 -3.02 20.46 27.83
N PHE B 38 -3.33 19.36 28.50
CA PHE B 38 -2.23 18.59 29.06
C PHE B 38 -1.30 18.16 27.93
N PHE B 39 -1.86 17.96 26.75
CA PHE B 39 -1.05 17.50 25.63
C PHE B 39 -0.02 18.53 25.20
N ASP B 40 -0.38 19.81 25.25
CA ASP B 40 0.57 20.86 24.86
C ASP B 40 1.69 20.96 25.87
N ILE B 41 1.31 20.82 27.15
CA ILE B 41 2.26 20.88 28.27
C ILE B 41 3.27 19.75 28.14
N ILE B 42 2.76 18.53 27.92
CA ILE B 42 3.64 17.39 27.80
C ILE B 42 4.57 17.40 26.59
N LYS B 43 4.07 17.87 25.45
CA LYS B 43 4.88 17.91 24.25
C LYS B 43 5.99 18.97 24.41
N GLU B 44 5.67 20.10 25.02
CA GLU B 44 6.67 21.17 25.19
C GLU B 44 7.77 20.80 26.18
N ALA B 45 7.42 19.93 27.14
CA ALA B 45 8.39 19.44 28.11
C ALA B 45 9.43 18.54 27.43
N GLY B 46 9.14 18.04 26.23
CA GLY B 46 10.11 17.19 25.56
C GLY B 46 9.77 15.71 25.45
N PHE B 47 8.57 15.33 25.90
CA PHE B 47 8.15 13.93 25.82
C PHE B 47 7.72 13.59 24.37
N SER B 48 7.87 12.34 23.98
CA SER B 48 7.52 11.91 22.63
C SER B 48 6.16 11.20 22.57
N HIS B 49 5.71 10.68 23.69
CA HIS B 49 4.40 9.97 23.75
C HIS B 49 3.72 10.02 25.11
N VAL B 50 2.44 9.59 25.17
CA VAL B 50 1.71 9.53 26.41
C VAL B 50 1.12 8.13 26.47
N ARG B 51 1.01 7.56 27.67
CA ARG B 51 0.39 6.23 27.88
C ARG B 51 -0.90 6.57 28.59
N ILE B 52 -2.00 5.98 28.13
CA ILE B 52 -3.31 6.25 28.67
C ILE B 52 -3.94 4.96 29.20
N PRO B 53 -3.90 4.79 30.51
CA PRO B 53 -4.49 3.61 31.18
C PRO B 53 -6.00 3.74 30.95
N ILE B 54 -6.71 2.65 30.62
CA ILE B 54 -8.16 2.78 30.38
C ILE B 54 -8.90 1.54 30.91
N ARG B 55 -9.86 1.75 31.81
CA ARG B 55 -10.64 0.64 32.38
C ARG B 55 -11.87 0.36 31.50
N TRP B 56 -11.62 -0.25 30.34
CA TRP B 56 -12.67 -0.59 29.41
C TRP B 56 -13.77 -1.47 30.04
N SER B 57 -13.35 -2.36 30.92
CA SER B 57 -14.27 -3.33 31.54
C SER B 57 -15.49 -2.73 32.22
N THR B 58 -15.32 -1.58 32.86
CA THR B 58 -16.43 -0.93 33.56
C THR B 58 -17.35 -0.17 32.60
N HIS B 59 -16.95 -0.10 31.33
CA HIS B 59 -17.73 0.62 30.33
C HIS B 59 -18.28 -0.25 29.22
N ALA B 60 -18.40 -1.53 29.51
CA ALA B 60 -18.90 -2.49 28.55
C ALA B 60 -19.85 -3.40 29.31
N TYR B 61 -20.83 -3.97 28.59
CA TYR B 61 -21.77 -4.86 29.25
C TYR B 61 -21.17 -6.19 29.68
N ALA B 62 -21.81 -6.81 30.67
CA ALA B 62 -21.31 -8.05 31.25
C ALA B 62 -21.60 -9.31 30.46
N PHE B 63 -22.55 -9.24 29.53
CA PHE B 63 -22.88 -10.43 28.78
C PHE B 63 -22.78 -10.24 27.28
N PRO B 64 -22.64 -11.34 26.54
CA PRO B 64 -22.52 -11.18 25.08
C PRO B 64 -23.63 -10.25 24.55
N PRO B 65 -23.31 -9.39 23.56
CA PRO B 65 -22.04 -9.15 22.86
C PRO B 65 -20.89 -8.45 23.64
N TYR B 66 -21.12 -8.13 24.91
CA TYR B 66 -20.10 -7.43 25.71
C TYR B 66 -19.84 -6.09 25.03
N LYS B 67 -20.87 -5.39 24.59
CA LYS B 67 -20.62 -4.12 23.92
C LYS B 67 -20.06 -3.01 24.77
N ILE B 68 -19.05 -2.32 24.23
CA ILE B 68 -18.43 -1.18 24.91
C ILE B 68 -19.36 0.00 24.64
N MET B 69 -19.64 0.81 25.64
CA MET B 69 -20.53 1.96 25.52
C MET B 69 -20.04 3.01 24.50
N ASP B 70 -20.96 3.55 23.69
CA ASP B 70 -20.63 4.56 22.69
C ASP B 70 -20.07 5.84 23.28
N ARG B 71 -20.64 6.29 24.39
CA ARG B 71 -20.16 7.52 24.97
C ARG B 71 -18.73 7.36 25.52
N PHE B 72 -18.37 6.14 25.91
CA PHE B 72 -17.02 5.91 26.42
C PHE B 72 -16.05 5.90 25.23
N PHE B 73 -16.39 5.20 24.14
CA PHE B 73 -15.54 5.19 22.95
C PHE B 73 -15.32 6.63 22.50
N LYS B 74 -16.38 7.42 22.55
CA LYS B 74 -16.30 8.82 22.14
C LYS B 74 -15.32 9.59 22.99
N ARG B 75 -15.29 9.26 24.27
CA ARG B 75 -14.38 9.94 25.18
C ARG B 75 -12.92 9.57 24.86
N VAL B 76 -12.65 8.25 24.70
CA VAL B 76 -11.28 7.75 24.40
C VAL B 76 -10.82 8.33 23.06
N ASP B 77 -11.71 8.42 22.06
CA ASP B 77 -11.32 9.05 20.77
C ASP B 77 -10.85 10.50 21.06
N GLU B 78 -11.56 11.25 21.92
CA GLU B 78 -11.17 12.67 22.20
C GLU B 78 -9.76 12.82 22.77
N VAL B 79 -9.42 11.87 23.64
CA VAL B 79 -8.13 11.83 24.28
C VAL B 79 -7.05 11.43 23.28
N ILE B 80 -7.25 10.32 22.58
CA ILE B 80 -6.27 9.88 21.59
C ILE B 80 -6.01 11.02 20.60
N ASN B 81 -7.08 11.58 20.05
CA ASN B 81 -6.92 12.63 19.04
C ASN B 81 -6.26 13.89 19.61
N GLY B 82 -6.48 14.16 20.88
CA GLY B 82 -5.86 15.32 21.49
C GLY B 82 -4.35 15.16 21.54
N ALA B 83 -3.89 13.94 21.83
CA ALA B 83 -2.44 13.66 21.90
C ALA B 83 -1.84 13.69 20.50
N LEU B 84 -2.50 13.03 19.56
CA LEU B 84 -2.00 12.98 18.19
C LEU B 84 -1.88 14.37 17.57
N LYS B 85 -2.83 15.25 17.86
CA LYS B 85 -2.80 16.62 17.32
C LYS B 85 -1.52 17.35 17.68
N ARG B 86 -0.85 16.90 18.74
CA ARG B 86 0.40 17.55 19.18
C ARG B 86 1.65 16.83 18.67
N GLY B 87 1.48 15.80 17.86
CA GLY B 87 2.64 15.07 17.36
C GLY B 87 3.15 14.04 18.36
N LEU B 88 2.35 13.73 19.36
CA LEU B 88 2.76 12.72 20.36
C LEU B 88 2.30 11.33 19.93
N ALA B 89 3.06 10.28 20.26
CA ALA B 89 2.61 8.93 19.92
C ALA B 89 1.70 8.58 21.11
N VAL B 90 0.91 7.52 20.97
CA VAL B 90 -0.03 7.20 22.03
C VAL B 90 -0.09 5.72 22.34
N VAL B 91 -0.10 5.37 23.62
CA VAL B 91 -0.25 3.96 24.00
C VAL B 91 -1.59 3.86 24.71
N ILE B 92 -2.49 2.99 24.23
CA ILE B 92 -3.75 2.76 24.94
C ILE B 92 -3.73 1.28 25.38
N ASN B 93 -4.38 0.97 26.50
CA ASN B 93 -4.37 -0.42 26.99
C ASN B 93 -5.72 -0.81 27.59
N ILE B 94 -5.73 -1.98 28.23
CA ILE B 94 -6.88 -2.43 29.02
C ILE B 94 -6.21 -2.49 30.41
N HIS B 95 -6.80 -1.75 31.33
CA HIS B 95 -6.25 -1.59 32.69
C HIS B 95 -7.33 -1.90 33.75
N HIS B 96 -6.89 -2.43 34.88
CA HIS B 96 -7.77 -2.72 35.99
C HIS B 96 -9.02 -3.55 35.67
N TYR B 97 -8.87 -4.61 34.89
CA TYR B 97 -9.98 -5.53 34.60
C TYR B 97 -9.93 -6.56 35.74
N GLU B 98 -10.40 -6.15 36.91
CA GLU B 98 -10.34 -6.96 38.12
C GLU B 98 -10.87 -8.39 38.03
N GLU B 99 -12.05 -8.53 37.44
CA GLU B 99 -12.64 -9.84 37.31
C GLU B 99 -11.80 -10.81 36.51
N LEU B 100 -11.09 -10.30 35.50
CA LEU B 100 -10.25 -11.12 34.66
C LEU B 100 -9.07 -11.70 35.43
N MET B 101 -8.50 -10.93 36.36
CA MET B 101 -7.38 -11.43 37.14
C MET B 101 -7.88 -12.48 38.13
N ASN B 102 -9.13 -12.33 38.56
CA ASN B 102 -9.75 -13.23 39.52
C ASN B 102 -10.26 -14.55 38.95
N ASP B 103 -10.85 -14.47 37.76
CA ASP B 103 -11.41 -15.63 37.08
C ASP B 103 -11.17 -15.51 35.58
N PRO B 104 -9.92 -15.74 35.13
CA PRO B 104 -9.54 -15.66 33.72
C PRO B 104 -10.30 -16.60 32.80
N GLU B 105 -10.63 -17.80 33.28
CA GLU B 105 -11.37 -18.74 32.45
C GLU B 105 -12.78 -18.18 32.16
N GLU B 106 -13.39 -17.58 33.17
CA GLU B 106 -14.73 -17.04 33.04
C GLU B 106 -14.77 -15.80 32.19
N HIS B 107 -13.76 -14.95 32.34
CA HIS B 107 -13.70 -13.68 31.59
C HIS B 107 -12.98 -13.64 30.24
N LYS B 108 -12.33 -14.74 29.88
CA LYS B 108 -11.58 -14.84 28.63
C LYS B 108 -12.35 -14.37 27.39
N GLU B 109 -13.58 -14.87 27.19
CA GLU B 109 -14.30 -14.42 25.98
C GLU B 109 -14.65 -12.93 25.99
N ARG B 110 -14.99 -12.41 27.16
CA ARG B 110 -15.34 -11.01 27.23
C ARG B 110 -14.08 -10.20 26.91
N PHE B 111 -12.97 -10.58 27.49
CA PHE B 111 -11.68 -9.88 27.25
C PHE B 111 -11.39 -9.88 25.76
N LEU B 112 -11.52 -11.05 25.12
CA LEU B 112 -11.28 -11.17 23.69
C LEU B 112 -12.27 -10.31 22.90
N ALA B 113 -13.51 -10.19 23.36
CA ALA B 113 -14.47 -9.36 22.61
C ALA B 113 -14.16 -7.86 22.73
N LEU B 114 -13.62 -7.45 23.88
CA LEU B 114 -13.25 -6.05 24.09
C LEU B 114 -12.16 -5.62 23.08
N TRP B 115 -11.14 -6.46 22.89
CA TRP B 115 -10.06 -6.13 21.94
C TRP B 115 -10.58 -6.15 20.52
N LYS B 116 -11.52 -7.06 20.24
CA LYS B 116 -12.06 -7.11 18.90
C LYS B 116 -12.67 -5.74 18.61
N GLN B 117 -13.40 -5.18 19.56
CA GLN B 117 -14.02 -3.86 19.40
C GLN B 117 -13.05 -2.69 19.38
N ILE B 118 -12.03 -2.74 20.21
CA ILE B 118 -11.09 -1.64 20.26
C ILE B 118 -10.29 -1.62 18.97
N ALA B 119 -9.73 -2.77 18.62
CA ALA B 119 -8.94 -2.93 17.39
C ALA B 119 -9.71 -2.46 16.17
N ASP B 120 -10.95 -2.93 16.02
CA ASP B 120 -11.77 -2.50 14.88
C ASP B 120 -12.02 -0.98 14.92
N ARG B 121 -12.13 -0.40 16.11
CA ARG B 121 -12.40 1.03 16.21
C ARG B 121 -11.23 1.92 15.78
N TYR B 122 -10.01 1.49 16.08
CA TYR B 122 -8.83 2.30 15.78
C TYR B 122 -7.95 1.79 14.66
N LYS B 123 -8.40 0.76 13.95
CA LYS B 123 -7.61 0.16 12.91
C LYS B 123 -7.06 1.13 11.90
N ASP B 124 -7.79 2.19 11.61
CA ASP B 124 -7.32 3.15 10.60
C ASP B 124 -6.52 4.29 11.17
N TYR B 125 -6.31 4.33 12.47
CA TYR B 125 -5.56 5.41 13.10
C TYR B 125 -4.09 5.35 12.71
N PRO B 126 -3.35 6.45 12.89
CA PRO B 126 -1.93 6.46 12.54
C PRO B 126 -1.14 5.34 13.21
N GLU B 127 0.04 5.07 12.66
CA GLU B 127 0.93 4.04 13.16
C GLU B 127 1.58 4.45 14.48
N THR B 128 1.30 5.67 14.92
CA THR B 128 1.85 6.21 16.17
C THR B 128 0.99 5.87 17.37
N LEU B 129 -0.08 5.09 17.10
CA LEU B 129 -0.98 4.60 18.13
C LEU B 129 -0.60 3.14 18.39
N PHE B 130 -0.46 2.78 19.66
CA PHE B 130 -0.03 1.46 20.04
C PHE B 130 -1.09 0.75 20.89
N PHE B 131 -1.17 -0.57 20.77
CA PHE B 131 -2.17 -1.36 21.52
C PHE B 131 -1.50 -2.21 22.57
N GLU B 132 -1.70 -1.87 23.83
CA GLU B 132 -1.13 -2.64 24.93
C GLU B 132 -2.20 -3.66 25.41
N ILE B 133 -1.96 -4.95 25.22
CA ILE B 133 -2.98 -5.94 25.56
C ILE B 133 -3.58 -5.87 26.96
N LEU B 134 -2.75 -5.87 28.00
CA LEU B 134 -3.26 -5.84 29.35
C LEU B 134 -2.25 -5.37 30.35
N ASN B 135 -2.68 -4.41 31.17
CA ASN B 135 -1.86 -3.87 32.23
C ASN B 135 -1.72 -4.90 33.33
N GLU B 136 -0.47 -5.10 33.75
CA GLU B 136 -0.09 -5.96 34.86
C GLU B 136 -0.91 -7.21 35.26
N PRO B 137 -0.95 -8.16 34.43
CA PRO B 137 -1.62 -9.39 34.77
C PRO B 137 -1.06 -9.92 36.02
N HIS B 138 -2.02 -10.40 36.76
CA HIS B 138 -1.80 -10.90 38.10
C HIS B 138 -2.78 -11.92 38.73
N GLY B 139 -2.46 -12.43 39.86
CA GLY B 139 -3.34 -13.30 40.51
C GLY B 139 -3.77 -14.60 39.86
N ASN B 140 -5.05 -14.90 39.77
CA ASN B 140 -5.39 -16.17 39.15
C ASN B 140 -4.97 -16.17 37.70
N LEU B 141 -4.72 -14.99 37.13
CA LEU B 141 -4.22 -14.91 35.77
C LEU B 141 -2.69 -15.10 35.93
N THR B 142 -2.28 -16.35 36.07
CA THR B 142 -0.89 -16.77 36.27
C THR B 142 -0.06 -16.66 34.99
N PRO B 143 1.28 -16.68 35.13
CA PRO B 143 2.14 -16.59 33.95
C PRO B 143 1.72 -17.54 32.82
N GLU B 144 1.43 -18.79 33.17
CA GLU B 144 1.00 -19.77 32.18
C GLU B 144 -0.32 -19.38 31.51
N LYS B 145 -1.32 -18.99 32.30
CA LYS B 145 -2.61 -18.56 31.72
C LYS B 145 -2.44 -17.26 30.91
N TRP B 146 -1.54 -16.39 31.36
CA TRP B 146 -1.29 -15.15 30.58
C TRP B 146 -0.79 -15.50 29.18
N ASN B 147 0.17 -16.41 29.08
CA ASN B 147 0.68 -16.82 27.78
C ASN B 147 -0.42 -17.31 26.84
N GLU B 148 -1.38 -18.12 27.33
CA GLU B 148 -2.42 -18.55 26.39
C GLU B 148 -3.37 -17.41 26.06
N LEU B 149 -3.70 -16.59 27.05
CA LEU B 149 -4.61 -15.48 26.83
C LEU B 149 -4.05 -14.43 25.85
N LEU B 150 -2.79 -14.04 26.09
CA LEU B 150 -2.18 -13.04 25.21
C LEU B 150 -2.10 -13.66 23.81
N GLU B 151 -1.88 -14.96 23.70
CA GLU B 151 -1.82 -15.59 22.40
C GLU B 151 -3.17 -15.47 21.74
N GLU B 152 -4.22 -15.65 22.52
CA GLU B 152 -5.54 -15.54 21.92
C GLU B 152 -5.88 -14.10 21.55
N ALA B 153 -5.50 -13.13 22.37
CA ALA B 153 -5.82 -11.73 22.05
C ALA B 153 -5.12 -11.30 20.78
N LEU B 154 -3.89 -11.77 20.59
CA LEU B 154 -3.13 -11.42 19.39
C LEU B 154 -3.84 -11.91 18.15
N LYS B 155 -4.30 -13.16 18.16
CA LYS B 155 -5.05 -13.73 17.01
C LYS B 155 -6.21 -12.83 16.67
N VAL B 156 -7.00 -12.48 17.69
CA VAL B 156 -8.15 -11.60 17.51
C VAL B 156 -7.74 -10.24 16.94
N ILE B 157 -6.85 -9.54 17.63
CA ILE B 157 -6.46 -8.22 17.13
C ILE B 157 -5.97 -8.32 15.68
N ARG B 158 -5.07 -9.26 15.41
CA ARG B 158 -4.47 -9.44 14.08
C ARG B 158 -5.44 -9.83 12.97
N SER B 159 -6.59 -10.37 13.34
CA SER B 159 -7.55 -10.69 12.32
C SER B 159 -8.20 -9.39 11.89
N ILE B 160 -8.09 -8.34 12.68
CA ILE B 160 -8.70 -7.06 12.31
C ILE B 160 -7.72 -5.95 11.95
N ASP B 161 -6.51 -6.01 12.51
CA ASP B 161 -5.53 -4.93 12.31
C ASP B 161 -4.14 -5.53 12.23
N LYS B 162 -3.51 -5.41 11.07
CA LYS B 162 -2.16 -5.93 10.88
C LYS B 162 -1.15 -4.79 10.78
N LYS B 163 -1.62 -3.61 11.10
CA LYS B 163 -0.78 -2.42 11.03
C LYS B 163 -0.19 -1.97 12.36
N HIS B 164 -1.04 -1.80 13.37
CA HIS B 164 -0.53 -1.33 14.67
C HIS B 164 0.39 -2.24 15.48
N THR B 165 1.40 -1.63 16.08
CA THR B 165 2.32 -2.35 16.94
C THR B 165 1.63 -2.69 18.24
N ILE B 166 1.78 -3.92 18.71
CA ILE B 166 1.12 -4.36 19.95
C ILE B 166 2.14 -4.42 21.06
N ILE B 167 1.73 -4.12 22.28
CA ILE B 167 2.61 -4.13 23.44
C ILE B 167 2.15 -5.22 24.42
N ILE B 168 3.12 -6.10 24.72
CA ILE B 168 2.90 -7.29 25.55
C ILE B 168 3.65 -7.25 26.87
N GLY B 169 2.87 -7.27 27.94
CA GLY B 169 3.42 -7.23 29.28
C GLY B 169 3.71 -8.58 29.87
N THR B 170 4.24 -8.60 31.10
CA THR B 170 4.54 -9.85 31.78
C THR B 170 3.51 -10.07 32.89
N ALA B 171 3.48 -11.27 33.46
CA ALA B 171 2.55 -11.60 34.51
C ALA B 171 3.14 -11.32 35.88
N GLU B 172 2.49 -11.82 36.94
CA GLU B 172 2.95 -11.54 38.31
C GLU B 172 3.17 -10.04 38.53
N TRP B 173 2.15 -9.27 38.14
CA TRP B 173 2.14 -7.81 38.24
C TRP B 173 2.96 -6.97 37.26
N GLY B 174 3.45 -7.57 36.19
CA GLY B 174 4.13 -6.79 35.16
C GLY B 174 5.58 -6.38 35.32
N GLY B 175 6.27 -6.92 36.31
CA GLY B 175 7.68 -6.59 36.50
C GLY B 175 8.62 -7.66 35.92
N ILE B 176 9.81 -7.80 36.51
CA ILE B 176 10.75 -8.77 35.99
C ILE B 176 10.49 -10.20 36.47
N SER B 177 9.75 -10.35 37.56
CA SER B 177 9.43 -11.67 38.13
C SER B 177 9.28 -12.80 37.16
N ALA B 178 8.29 -12.58 36.30
CA ALA B 178 7.83 -13.53 35.32
C ALA B 178 8.29 -13.31 33.87
N LEU B 179 9.29 -12.47 33.68
CA LEU B 179 9.74 -12.24 32.30
C LEU B 179 10.22 -13.55 31.63
N GLU B 180 10.96 -14.38 32.35
CA GLU B 180 11.47 -15.61 31.78
C GLU B 180 10.34 -16.59 31.49
N LYS B 181 9.22 -16.42 32.18
CA LYS B 181 8.07 -17.28 31.96
C LYS B 181 7.24 -16.79 30.80
N LEU B 182 7.48 -15.55 30.35
CA LEU B 182 6.72 -14.98 29.24
C LEU B 182 6.99 -15.64 27.87
N SER B 183 5.93 -15.94 27.14
CA SER B 183 6.09 -16.55 25.82
C SER B 183 5.26 -15.76 24.80
N VAL B 184 5.94 -15.04 23.90
CA VAL B 184 5.27 -14.25 22.84
C VAL B 184 4.96 -15.19 21.64
N PRO B 185 3.73 -15.16 21.10
CA PRO B 185 3.48 -16.07 19.96
C PRO B 185 4.62 -15.91 18.94
N LYS B 186 5.24 -17.02 18.54
CA LYS B 186 6.36 -16.91 17.62
C LYS B 186 5.99 -16.49 16.19
N TRP B 187 4.70 -16.39 15.89
CA TRP B 187 4.26 -15.96 14.59
C TRP B 187 4.03 -14.44 14.50
N GLU B 188 4.00 -13.77 15.66
CA GLU B 188 3.79 -12.32 15.78
C GLU B 188 5.13 -11.60 15.66
N LYS B 189 5.24 -10.66 14.72
CA LYS B 189 6.50 -9.96 14.48
C LYS B 189 6.45 -8.45 14.61
N ASN B 190 5.34 -7.94 15.12
CA ASN B 190 5.18 -6.51 15.33
C ASN B 190 4.68 -6.22 16.74
N SER B 191 5.50 -6.63 17.74
CA SER B 191 5.19 -6.43 19.15
C SER B 191 6.39 -5.95 19.93
N ILE B 192 6.11 -5.17 20.97
CA ILE B 192 7.14 -4.67 21.87
C ILE B 192 6.80 -5.24 23.24
N VAL B 193 7.80 -5.67 23.98
CA VAL B 193 7.54 -6.21 25.30
C VAL B 193 7.62 -5.10 26.37
N THR B 194 6.67 -5.05 27.31
CA THR B 194 6.76 -4.05 28.40
C THR B 194 6.98 -4.64 29.72
N ILE B 195 7.80 -3.94 30.47
CA ILE B 195 8.10 -4.32 31.81
C ILE B 195 7.87 -3.07 32.62
N HIS B 196 7.29 -3.21 33.81
CA HIS B 196 7.07 -2.07 34.69
C HIS B 196 8.14 -2.18 35.76
N TYR B 197 8.83 -1.07 36.03
CA TYR B 197 9.91 -1.15 36.98
C TYR B 197 9.76 -0.24 38.19
N TYR B 198 9.58 -0.90 39.33
CA TYR B 198 9.34 -0.23 40.60
C TYR B 198 10.29 -0.75 41.69
N ASN B 199 11.39 -1.43 41.34
CA ASN B 199 12.27 -1.96 42.36
C ASN B 199 13.31 -0.92 42.79
N PRO B 200 13.67 -0.86 44.09
CA PRO B 200 13.17 -1.70 45.21
C PRO B 200 11.73 -1.30 45.51
N PHE B 201 10.83 -2.26 45.52
CA PHE B 201 9.46 -1.90 45.77
C PHE B 201 9.28 -1.21 47.12
N GLU B 202 9.98 -1.68 48.15
CA GLU B 202 9.83 -1.09 49.46
C GLU B 202 10.23 0.40 49.39
N PHE B 203 11.07 0.75 48.44
CA PHE B 203 11.43 2.18 48.30
C PHE B 203 10.40 3.00 47.49
N THR B 204 10.08 2.55 46.29
CA THR B 204 9.17 3.31 45.46
C THR B 204 7.74 3.37 45.99
N HIS B 205 7.35 2.34 46.74
CA HIS B 205 5.98 2.29 47.28
C HIS B 205 5.89 2.42 48.80
N GLN B 206 6.88 3.04 49.43
CA GLN B 206 6.82 3.17 50.88
C GLN B 206 5.58 3.99 51.33
N GLY B 207 4.84 3.47 52.30
CA GLY B 207 3.66 4.17 52.75
C GLY B 207 2.54 4.26 51.73
N ALA B 208 2.65 3.60 50.57
CA ALA B 208 1.59 3.66 49.56
C ALA B 208 0.33 3.11 50.24
N GLU B 209 -0.77 3.87 50.19
CA GLU B 209 -1.99 3.45 50.89
C GLU B 209 -2.61 2.17 50.37
N TRP B 210 -2.39 1.88 49.09
CA TRP B 210 -2.97 0.70 48.46
C TRP B 210 -2.12 -0.54 48.55
N VAL B 211 -0.98 -0.45 49.24
CA VAL B 211 -0.08 -1.58 49.41
C VAL B 211 -0.04 -2.08 50.86
N GLU B 212 -0.39 -3.34 51.05
CA GLU B 212 -0.43 -3.92 52.37
C GLU B 212 0.91 -3.85 53.02
N GLY B 213 0.92 -3.40 54.28
CA GLY B 213 2.13 -3.33 55.09
C GLY B 213 3.18 -2.29 54.70
N SER B 214 2.82 -1.42 53.76
CA SER B 214 3.77 -0.43 53.24
C SER B 214 4.26 0.61 54.22
N GLU B 215 3.54 0.82 55.31
CA GLU B 215 3.96 1.84 56.28
C GLU B 215 5.30 1.53 56.96
N LYS B 216 5.66 0.26 57.01
CA LYS B 216 6.94 -0.08 57.67
C LYS B 216 8.15 0.35 56.82
N TRP B 217 7.90 0.65 55.55
CA TRP B 217 9.00 1.06 54.68
C TRP B 217 9.36 2.52 54.69
N LEU B 218 8.48 3.35 55.28
CA LEU B 218 8.67 4.81 55.33
C LEU B 218 10.05 5.17 55.85
N GLY B 219 10.73 6.08 55.17
CA GLY B 219 12.08 6.42 55.57
C GLY B 219 13.11 5.78 54.65
N ARG B 220 12.75 4.73 53.93
CA ARG B 220 13.71 4.08 53.00
C ARG B 220 14.31 5.08 52.00
N LYS B 221 15.63 5.05 51.85
CA LYS B 221 16.34 5.93 50.93
C LYS B 221 16.79 5.13 49.71
N TRP B 222 17.29 5.83 48.71
CA TRP B 222 17.83 5.19 47.53
C TRP B 222 18.97 6.07 47.00
N GLY B 223 20.05 5.44 46.57
CA GLY B 223 21.15 6.22 46.03
C GLY B 223 22.53 5.63 46.25
N SER B 224 22.61 4.61 47.13
CA SER B 224 23.90 3.96 47.47
C SER B 224 24.48 3.18 46.31
N PRO B 225 25.81 2.90 46.33
CA PRO B 225 26.41 2.13 45.23
C PRO B 225 25.74 0.76 45.18
N ASP B 226 25.39 0.24 46.35
CA ASP B 226 24.73 -1.07 46.36
C ASP B 226 23.38 -0.96 45.62
N ASP B 227 22.68 0.13 45.90
CA ASP B 227 21.40 0.38 45.28
C ASP B 227 21.54 0.34 43.78
N GLN B 228 22.50 1.10 43.26
CA GLN B 228 22.73 1.14 41.83
C GLN B 228 23.06 -0.22 41.25
N LYS B 229 23.90 -0.98 41.94
CA LYS B 229 24.30 -2.30 41.44
C LYS B 229 23.16 -3.32 41.32
N HIS B 230 22.27 -3.37 42.31
CA HIS B 230 21.17 -4.31 42.23
C HIS B 230 20.27 -3.92 41.05
N LEU B 231 20.17 -2.63 40.77
CA LEU B 231 19.32 -2.14 39.70
C LEU B 231 19.88 -2.54 38.34
N ILE B 232 21.15 -2.22 38.11
CA ILE B 232 21.82 -2.58 36.88
C ILE B 232 21.78 -4.08 36.65
N GLU B 233 21.88 -4.85 37.73
CA GLU B 233 21.83 -6.31 37.65
C GLU B 233 20.47 -6.78 37.13
N GLU B 234 19.41 -6.08 37.51
CA GLU B 234 18.09 -6.47 37.05
C GLU B 234 17.93 -6.00 35.62
N PHE B 235 18.41 -4.81 35.31
CA PHE B 235 18.34 -4.34 33.94
C PHE B 235 19.14 -5.26 33.03
N ASN B 236 20.34 -5.68 33.45
CA ASN B 236 21.12 -6.59 32.59
C ASN B 236 20.33 -7.85 32.29
N PHE B 237 19.56 -8.32 33.25
CA PHE B 237 18.72 -9.50 33.07
C PHE B 237 17.67 -9.26 32.01
N ILE B 238 17.08 -8.06 32.00
CA ILE B 238 16.07 -7.73 31.02
C ILE B 238 16.71 -7.58 29.64
N GLU B 239 17.86 -6.90 29.58
CA GLU B 239 18.54 -6.67 28.32
C GLU B 239 18.96 -7.99 27.67
N GLU B 240 19.52 -8.88 28.49
CA GLU B 240 19.95 -10.19 28.04
C GLU B 240 18.76 -10.95 27.47
N TRP B 241 17.61 -10.88 28.15
CA TRP B 241 16.41 -11.57 27.67
C TRP B 241 16.02 -10.99 26.34
N SER B 242 16.10 -9.66 26.25
CA SER B 242 15.73 -8.94 25.05
C SER B 242 16.60 -9.33 23.85
N LYS B 243 17.91 -9.36 24.08
CA LYS B 243 18.83 -9.72 23.00
C LYS B 243 18.63 -11.19 22.55
N LYS B 244 18.42 -12.10 23.51
CA LYS B 244 18.23 -13.52 23.23
C LYS B 244 16.92 -13.82 22.48
N ASN B 245 15.88 -13.08 22.85
CA ASN B 245 14.56 -13.27 22.27
C ASN B 245 14.20 -12.24 21.23
N LYS B 246 15.17 -11.36 20.94
CA LYS B 246 15.03 -10.29 19.94
C LYS B 246 13.70 -9.56 19.99
N ARG B 247 13.37 -9.03 21.17
CA ARG B 247 12.12 -8.29 21.31
C ARG B 247 12.51 -6.95 21.89
N PRO B 248 11.93 -5.85 21.37
CA PRO B 248 12.22 -4.49 21.85
C PRO B 248 11.62 -4.37 23.25
N ILE B 249 12.19 -3.48 24.07
CA ILE B 249 11.71 -3.28 25.44
C ILE B 249 11.19 -1.87 25.69
N TYR B 250 10.01 -1.81 26.31
CA TYR B 250 9.36 -0.56 26.71
C TYR B 250 9.07 -0.61 28.22
N ILE B 251 9.68 0.29 29.00
CA ILE B 251 9.42 0.31 30.44
C ILE B 251 8.21 1.23 30.58
N GLY B 252 7.02 0.64 30.43
CA GLY B 252 5.80 1.41 30.41
C GLY B 252 5.31 2.16 31.64
N ALA B 253 5.87 1.83 32.79
CA ALA B 253 5.56 2.51 34.04
C ALA B 253 6.70 2.32 35.03
N PHE B 254 7.20 3.42 35.56
CA PHE B 254 8.25 3.42 36.57
C PHE B 254 8.14 4.75 37.29
N GLY B 255 8.39 4.72 38.60
CA GLY B 255 8.37 5.95 39.35
C GLY B 255 8.42 5.67 40.83
N ALA B 256 8.68 6.71 41.61
CA ALA B 256 8.73 6.59 43.06
C ALA B 256 7.63 7.47 43.65
N TYR B 257 6.88 6.90 44.60
CA TYR B 257 5.75 7.59 45.24
C TYR B 257 6.22 8.78 46.05
N ARG B 258 5.37 9.80 46.12
CA ARG B 258 5.68 11.03 46.85
C ARG B 258 6.04 10.91 48.31
N LYS B 259 5.72 9.80 48.99
CA LYS B 259 6.13 9.70 50.38
C LYS B 259 7.65 9.44 50.53
N ALA B 260 8.31 9.04 49.44
CA ALA B 260 9.79 8.77 49.44
C ALA B 260 10.44 10.13 49.46
N ASP B 261 11.57 10.31 50.17
CA ASP B 261 12.14 11.65 50.16
C ASP B 261 12.49 12.04 48.75
N LEU B 262 12.34 13.33 48.47
CA LEU B 262 12.58 13.91 47.17
C LEU B 262 13.96 13.64 46.58
N GLU B 263 15.02 13.80 47.37
CA GLU B 263 16.36 13.55 46.86
C GLU B 263 16.50 12.11 46.37
N SER B 264 16.04 11.15 47.15
CA SER B 264 16.13 9.77 46.71
C SER B 264 15.24 9.54 45.46
N ARG B 265 14.08 10.17 45.42
CA ARG B 265 13.23 10.02 44.24
C ARG B 265 13.95 10.52 42.99
N ILE B 266 14.64 11.65 43.12
CA ILE B 266 15.37 12.23 42.00
C ILE B 266 16.51 11.30 41.55
N LYS B 267 17.26 10.76 42.51
CA LYS B 267 18.38 9.90 42.17
C LYS B 267 17.91 8.65 41.49
N TRP B 268 16.84 8.08 42.04
CA TRP B 268 16.31 6.84 41.49
C TRP B 268 15.78 7.05 40.06
N THR B 269 14.97 8.10 39.88
CA THR B 269 14.36 8.41 38.60
C THR B 269 15.45 8.65 37.52
N SER B 270 16.41 9.52 37.84
CA SER B 270 17.54 9.84 36.94
C SER B 270 18.31 8.62 36.48
N PHE B 271 18.74 7.82 37.46
CA PHE B 271 19.50 6.61 37.25
C PHE B 271 18.72 5.65 36.39
N VAL B 272 17.46 5.44 36.73
CA VAL B 272 16.64 4.58 35.92
C VAL B 272 16.57 5.08 34.46
N VAL B 273 16.30 6.37 34.26
CA VAL B 273 16.24 6.85 32.89
C VAL B 273 17.56 6.67 32.16
N ARG B 274 18.67 7.05 32.80
CA ARG B 274 19.95 6.85 32.13
C ARG B 274 20.24 5.43 31.73
N GLU B 275 19.95 4.48 32.62
CA GLU B 275 20.23 3.06 32.38
C GLU B 275 19.31 2.40 31.32
N MET B 276 18.11 2.94 31.17
CA MET B 276 17.16 2.42 30.18
C MET B 276 17.63 2.88 28.80
N GLU B 277 18.03 4.15 28.71
CA GLU B 277 18.46 4.66 27.43
C GLU B 277 19.80 4.05 27.01
N LYS B 278 20.65 3.75 27.99
CA LYS B 278 21.91 3.11 27.66
C LYS B 278 21.59 1.80 26.99
N ARG B 279 20.41 1.25 27.29
CA ARG B 279 20.01 -0.02 26.69
C ARG B 279 19.03 0.16 25.54
N ARG B 280 18.83 1.41 25.15
CA ARG B 280 17.96 1.82 24.05
C ARG B 280 16.46 1.42 24.19
N TRP B 281 15.98 1.42 25.43
CA TRP B 281 14.58 1.11 25.72
C TRP B 281 13.71 2.36 25.70
N SER B 282 12.45 2.24 25.28
CA SER B 282 11.54 3.36 25.35
C SER B 282 10.99 3.30 26.81
N TRP B 283 10.24 4.30 27.23
CA TRP B 283 9.70 4.30 28.59
C TRP B 283 8.63 5.34 28.82
N ALA B 284 7.84 5.15 29.87
CA ALA B 284 6.80 6.10 30.24
C ALA B 284 6.78 6.23 31.74
N TYR B 285 7.02 7.44 32.22
CA TYR B 285 7.02 7.74 33.66
C TYR B 285 5.63 7.62 34.28
N TRP B 286 5.59 7.08 35.49
CA TRP B 286 4.37 6.94 36.28
C TRP B 286 4.49 7.90 37.45
N GLU B 287 3.77 9.03 37.43
CA GLU B 287 2.87 9.42 36.36
C GLU B 287 2.80 10.93 36.24
N PHE B 288 1.87 11.43 35.46
CA PHE B 288 1.80 12.86 35.23
C PHE B 288 1.55 13.85 36.34
N CYS B 289 0.40 13.74 37.00
CA CYS B 289 0.10 14.76 37.96
C CYS B 289 -0.53 14.33 39.28
N SER B 290 -0.53 13.04 39.58
CA SER B 290 -1.16 12.56 40.80
C SER B 290 -0.12 12.24 41.89
N GLY B 291 -0.33 11.14 42.61
CA GLY B 291 0.56 10.74 43.69
C GLY B 291 2.04 10.58 43.35
N PHE B 292 2.38 10.30 42.11
CA PHE B 292 3.80 10.19 41.75
C PHE B 292 4.06 11.33 40.81
N GLY B 293 3.11 12.27 40.75
CA GLY B 293 3.19 13.35 39.78
C GLY B 293 4.47 14.16 39.73
N VAL B 294 4.74 14.75 38.57
CA VAL B 294 5.92 15.58 38.36
C VAL B 294 5.38 16.94 37.91
N TYR B 295 4.05 17.02 37.80
CA TYR B 295 3.37 18.25 37.38
C TYR B 295 2.17 18.56 38.28
N ASP B 296 2.07 19.80 38.76
CA ASP B 296 0.94 20.21 39.61
C ASP B 296 -0.18 20.84 38.77
N THR B 297 -1.29 20.12 38.55
CA THR B 297 -2.35 20.66 37.73
C THR B 297 -2.90 21.94 38.33
N LEU B 298 -3.38 21.89 39.57
CA LEU B 298 -3.93 23.09 40.22
C LEU B 298 -2.87 24.15 40.62
N ARG B 299 -2.01 24.55 39.67
CA ARG B 299 -0.97 25.53 39.97
C ARG B 299 -0.11 25.66 38.73
N LYS B 300 -0.43 24.82 37.76
CA LYS B 300 0.23 24.79 36.47
C LYS B 300 1.75 24.87 36.44
N THR B 301 2.43 24.04 37.23
CA THR B 301 3.91 24.06 37.16
C THR B 301 4.55 22.70 37.43
N TRP B 302 5.71 22.50 36.81
CA TRP B 302 6.45 21.27 36.92
C TRP B 302 7.38 21.23 38.13
N ASN B 303 7.68 20.01 38.58
CA ASN B 303 8.62 19.81 39.64
C ASN B 303 9.92 19.81 38.83
N LYS B 304 10.57 20.96 38.74
CA LYS B 304 11.79 21.05 37.96
C LYS B 304 12.87 19.97 38.10
N ASP B 305 13.24 19.57 39.31
CA ASP B 305 14.30 18.56 39.41
C ASP B 305 13.86 17.17 38.97
N LEU B 306 12.60 16.86 39.17
CA LEU B 306 12.09 15.56 38.75
C LEU B 306 11.99 15.54 37.23
N LEU B 307 11.54 16.65 36.66
CA LEU B 307 11.39 16.72 35.22
C LEU B 307 12.77 16.56 34.62
N GLU B 308 13.75 17.17 35.28
CA GLU B 308 15.13 17.11 34.83
C GLU B 308 15.66 15.68 34.78
N ALA B 309 15.28 14.90 35.78
CA ALA B 309 15.71 13.52 35.82
C ALA B 309 15.21 12.73 34.62
N LEU B 310 14.05 13.13 34.09
CA LEU B 310 13.42 12.48 32.93
C LEU B 310 13.88 13.09 31.60
N ILE B 311 13.95 14.43 31.64
CA ILE B 311 14.29 15.44 30.60
C ILE B 311 13.36 15.54 29.42
N ASP C 4 0.75 -3.75 -51.03
CA ASP C 4 1.96 -4.21 -50.26
C ASP C 4 1.76 -3.75 -48.83
N PRO C 5 1.60 -4.68 -47.88
CA PRO C 5 1.40 -4.24 -46.49
C PRO C 5 2.61 -3.59 -45.84
N PHE C 6 3.80 -3.92 -46.32
CA PHE C 6 4.98 -3.31 -45.72
C PHE C 6 5.09 -1.86 -46.15
N GLU C 7 4.50 -1.51 -47.29
CA GLU C 7 4.57 -0.12 -47.73
C GLU C 7 3.43 0.58 -46.99
N ARG C 8 2.33 -0.13 -46.80
CA ARG C 8 1.21 0.44 -46.06
C ARG C 8 1.69 0.72 -44.61
N ASN C 9 2.57 -0.12 -44.06
CA ASN C 9 3.05 0.09 -42.71
C ASN C 9 3.86 1.39 -42.70
N LYS C 10 4.47 1.71 -43.84
CA LYS C 10 5.24 2.94 -43.92
C LYS C 10 4.30 4.13 -43.97
N ILE C 11 3.16 3.96 -44.66
CA ILE C 11 2.20 5.05 -44.74
C ILE C 11 1.69 5.34 -43.31
N LEU C 12 1.52 4.30 -42.49
CA LEU C 12 1.04 4.47 -41.11
C LEU C 12 2.06 5.29 -40.34
N GLY C 13 3.28 4.78 -40.29
CA GLY C 13 4.35 5.49 -39.62
C GLY C 13 3.97 5.91 -38.21
N ARG C 14 4.26 7.16 -37.84
CA ARG C 14 3.97 7.64 -36.50
C ARG C 14 2.52 8.00 -36.32
N GLY C 15 1.88 7.51 -35.27
CA GLY C 15 0.49 7.80 -35.05
C GLY C 15 0.12 8.06 -33.61
N ILE C 16 -1.15 8.37 -33.41
CA ILE C 16 -1.66 8.66 -32.09
C ILE C 16 -3.13 8.23 -32.07
N ASN C 17 -3.54 7.61 -30.96
CA ASN C 17 -4.91 7.15 -30.77
C ASN C 17 -5.72 8.32 -30.24
N ILE C 18 -6.96 8.44 -30.69
CA ILE C 18 -7.85 9.45 -30.17
C ILE C 18 -8.82 8.52 -29.41
N GLY C 19 -8.42 8.18 -28.19
CA GLY C 19 -9.16 7.28 -27.32
C GLY C 19 -10.00 7.99 -26.29
N ASN C 20 -10.79 7.20 -25.57
CA ASN C 20 -11.73 7.70 -24.58
C ASN C 20 -12.66 8.62 -25.31
N ALA C 21 -12.98 8.20 -26.51
CA ALA C 21 -13.86 8.94 -27.38
C ALA C 21 -14.90 8.01 -27.97
N LEU C 22 -14.72 7.60 -29.23
CA LEU C 22 -15.71 6.75 -29.85
C LEU C 22 -15.85 5.32 -29.36
N GLU C 23 -14.95 4.85 -28.52
CA GLU C 23 -15.06 3.47 -28.02
C GLU C 23 -15.83 3.41 -26.68
N ALA C 24 -16.28 4.58 -26.24
CA ALA C 24 -17.06 4.71 -25.01
C ALA C 24 -18.50 4.37 -25.44
N PRO C 25 -19.41 4.16 -24.47
CA PRO C 25 -20.79 3.84 -24.84
C PRO C 25 -21.31 4.89 -25.82
N ASN C 26 -20.91 6.14 -25.61
CA ASN C 26 -21.31 7.22 -26.52
C ASN C 26 -20.15 8.19 -26.56
N GLU C 27 -19.85 8.69 -27.74
CA GLU C 27 -18.72 9.60 -27.84
C GLU C 27 -18.89 10.72 -26.81
N GLY C 28 -17.88 10.93 -25.99
CA GLY C 28 -17.98 11.98 -25.00
C GLY C 28 -18.06 11.42 -23.59
N ASP C 29 -18.76 10.30 -23.43
CA ASP C 29 -18.92 9.66 -22.12
C ASP C 29 -17.63 9.53 -21.30
N TRP C 30 -16.50 9.29 -21.97
CA TRP C 30 -15.27 9.14 -21.21
C TRP C 30 -14.39 10.35 -21.25
N GLY C 31 -14.98 11.48 -21.64
CA GLY C 31 -14.23 12.72 -21.62
C GLY C 31 -13.76 13.32 -22.91
N VAL C 32 -13.71 12.51 -23.97
CA VAL C 32 -13.26 13.04 -25.24
C VAL C 32 -14.30 12.98 -26.36
N VAL C 33 -14.34 14.09 -27.10
CA VAL C 33 -15.19 14.27 -28.28
C VAL C 33 -14.19 14.68 -29.34
N ILE C 34 -14.26 14.04 -30.50
CA ILE C 34 -13.32 14.32 -31.57
C ILE C 34 -13.57 15.61 -32.35
N LYS C 35 -12.96 16.70 -31.87
CA LYS C 35 -13.11 17.98 -32.54
C LYS C 35 -12.35 17.93 -33.87
N ASP C 36 -13.01 18.35 -34.93
CA ASP C 36 -12.37 18.32 -36.23
C ASP C 36 -11.02 19.05 -36.20
N GLU C 37 -10.87 20.07 -35.35
CA GLU C 37 -9.61 20.81 -35.31
C GLU C 37 -8.47 19.94 -34.78
N PHE C 38 -8.83 18.80 -34.21
CA PHE C 38 -7.83 17.91 -33.67
C PHE C 38 -6.90 17.44 -34.74
N PHE C 39 -7.45 17.24 -35.93
CA PHE C 39 -6.65 16.78 -37.03
C PHE C 39 -5.59 17.77 -37.49
N ASP C 40 -5.84 19.07 -37.37
CA ASP C 40 -4.82 20.05 -37.80
C ASP C 40 -3.71 20.02 -36.74
N ILE C 41 -4.13 19.95 -35.48
CA ILE C 41 -3.18 19.93 -34.37
C ILE C 41 -2.27 18.73 -34.46
N ILE C 42 -2.88 17.56 -34.66
CA ILE C 42 -2.13 16.33 -34.81
C ILE C 42 -1.25 16.30 -36.07
N LYS C 43 -1.77 16.78 -37.19
CA LYS C 43 -0.97 16.77 -38.39
C LYS C 43 0.17 17.81 -38.22
N GLU C 44 -0.08 18.94 -37.58
CA GLU C 44 0.97 19.95 -37.40
C GLU C 44 2.12 19.49 -36.51
N ALA C 45 1.81 18.64 -35.55
CA ALA C 45 2.79 18.08 -34.63
C ALA C 45 3.75 17.10 -35.30
N GLY C 46 3.37 16.56 -36.46
CA GLY C 46 4.24 15.66 -37.17
C GLY C 46 3.82 14.19 -37.23
N PHE C 47 2.60 13.90 -36.78
CA PHE C 47 2.10 12.53 -36.84
C PHE C 47 1.63 12.23 -38.25
N SER C 48 1.69 10.97 -38.65
CA SER C 48 1.27 10.59 -39.99
C SER C 48 -0.14 9.94 -39.99
N HIS C 49 -0.57 9.41 -38.85
CA HIS C 49 -1.93 8.80 -38.79
C HIS C 49 -2.62 8.92 -37.46
N VAL C 50 -3.90 8.54 -37.44
CA VAL C 50 -4.63 8.52 -36.18
C VAL C 50 -5.27 7.14 -36.15
N ARG C 51 -5.40 6.56 -34.96
CA ARG C 51 -6.08 5.29 -34.75
C ARG C 51 -7.33 5.74 -34.00
N ILE C 52 -8.49 5.25 -34.43
CA ILE C 52 -9.77 5.64 -33.87
C ILE C 52 -10.49 4.40 -33.30
N PRO C 53 -10.48 4.22 -31.97
CA PRO C 53 -11.16 3.07 -31.36
C PRO C 53 -12.66 3.39 -31.52
N ILE C 54 -13.45 2.38 -31.87
CA ILE C 54 -14.88 2.62 -32.16
C ILE C 54 -15.69 1.44 -31.62
N ARG C 55 -16.70 1.76 -30.81
CA ARG C 55 -17.58 0.76 -30.21
C ARG C 55 -18.80 0.63 -31.13
N TRP C 56 -18.63 -0.04 -32.27
CA TRP C 56 -19.72 -0.18 -33.24
C TRP C 56 -20.97 -0.90 -32.68
N SER C 57 -20.74 -1.96 -31.90
CA SER C 57 -21.86 -2.74 -31.35
C SER C 57 -23.04 -2.01 -30.67
N THR C 58 -22.76 -1.01 -29.84
CA THR C 58 -23.85 -0.30 -29.18
C THR C 58 -24.66 0.58 -30.14
N HIS C 59 -24.23 0.70 -31.41
CA HIS C 59 -24.94 1.53 -32.37
C HIS C 59 -25.54 0.71 -33.54
N ALA C 60 -25.70 -0.58 -33.31
CA ALA C 60 -26.21 -1.47 -34.34
C ALA C 60 -27.51 -2.18 -33.87
N TYR C 61 -28.38 -2.57 -34.83
CA TYR C 61 -29.64 -3.27 -34.48
C TYR C 61 -29.32 -4.62 -33.81
N ALA C 62 -30.32 -5.18 -33.14
CA ALA C 62 -30.12 -6.43 -32.42
C ALA C 62 -30.45 -7.69 -33.22
N PHE C 63 -31.00 -7.50 -34.43
CA PHE C 63 -31.41 -8.60 -35.33
C PHE C 63 -30.82 -8.52 -36.75
N PRO C 64 -30.56 -9.69 -37.38
CA PRO C 64 -29.99 -9.74 -38.74
C PRO C 64 -30.81 -8.90 -39.72
N PRO C 65 -30.13 -8.15 -40.63
CA PRO C 65 -28.68 -8.03 -40.83
C PRO C 65 -27.85 -7.14 -39.88
N TYR C 66 -28.33 -6.90 -38.66
CA TYR C 66 -27.58 -6.13 -37.66
C TYR C 66 -27.21 -4.72 -38.07
N LYS C 67 -28.15 -4.07 -38.75
CA LYS C 67 -27.95 -2.70 -39.26
C LYS C 67 -27.27 -1.75 -38.26
N ILE C 68 -26.23 -1.08 -38.72
CA ILE C 68 -25.57 -0.09 -37.87
C ILE C 68 -26.39 1.19 -38.09
N MET C 69 -26.65 1.93 -37.03
CA MET C 69 -27.44 3.16 -37.13
C MET C 69 -26.70 4.25 -37.90
N ASP C 70 -27.31 4.67 -38.99
CA ASP C 70 -26.78 5.67 -39.90
C ASP C 70 -26.37 7.00 -39.27
N ARG C 71 -26.95 7.32 -38.13
CA ARG C 71 -26.60 8.54 -37.42
C ARG C 71 -25.15 8.38 -36.93
N PHE C 72 -24.81 7.13 -36.56
CA PHE C 72 -23.47 6.83 -36.06
C PHE C 72 -22.50 6.68 -37.24
N PHE C 73 -22.93 5.96 -38.26
CA PHE C 73 -22.10 5.75 -39.45
C PHE C 73 -21.72 7.12 -39.98
N LYS C 74 -22.66 8.07 -39.99
CA LYS C 74 -22.38 9.41 -40.47
C LYS C 74 -21.39 10.14 -39.56
N ARG C 75 -21.47 9.91 -38.25
CA ARG C 75 -20.50 10.53 -37.33
C ARG C 75 -19.12 9.91 -37.65
N VAL C 76 -19.06 8.59 -37.80
CA VAL C 76 -17.76 7.98 -38.11
C VAL C 76 -17.16 8.46 -39.45
N ASP C 77 -18.01 8.69 -40.44
CA ASP C 77 -17.59 9.18 -41.74
C ASP C 77 -16.95 10.54 -41.53
N GLU C 78 -17.58 11.33 -40.64
CA GLU C 78 -17.12 12.68 -40.32
C GLU C 78 -15.71 12.64 -39.79
N VAL C 79 -15.46 11.71 -38.90
CA VAL C 79 -14.13 11.59 -38.28
C VAL C 79 -13.07 11.11 -39.27
N ILE C 80 -13.33 10.01 -39.96
CA ILE C 80 -12.39 9.50 -40.98
C ILE C 80 -12.07 10.59 -42.00
N ASN C 81 -13.12 11.17 -42.57
CA ASN C 81 -12.91 12.18 -43.57
C ASN C 81 -12.23 13.41 -43.00
N GLY C 82 -12.43 13.70 -41.71
CA GLY C 82 -11.79 14.85 -41.12
C GLY C 82 -10.31 14.65 -41.08
N ALA C 83 -9.95 13.40 -40.83
CA ALA C 83 -8.54 12.98 -40.74
C ALA C 83 -7.90 13.01 -42.10
N LEU C 84 -8.56 12.34 -43.03
CA LEU C 84 -8.09 12.26 -44.40
C LEU C 84 -7.88 13.61 -45.03
N LYS C 85 -8.71 14.60 -44.69
CA LYS C 85 -8.59 15.95 -45.23
C LYS C 85 -7.20 16.55 -44.92
N ARG C 86 -6.62 16.21 -43.76
CA ARG C 86 -5.29 16.74 -43.38
C ARG C 86 -4.16 15.85 -43.88
N GLY C 87 -4.50 14.83 -44.64
CA GLY C 87 -3.50 13.94 -45.18
C GLY C 87 -2.98 12.93 -44.19
N LEU C 88 -3.76 12.71 -43.15
CA LEU C 88 -3.41 11.72 -42.13
C LEU C 88 -3.96 10.35 -42.60
N ALA C 89 -3.26 9.25 -42.27
CA ALA C 89 -3.80 7.96 -42.63
C ALA C 89 -4.70 7.65 -41.44
N VAL C 90 -5.55 6.65 -41.57
CA VAL C 90 -6.51 6.40 -40.51
C VAL C 90 -6.66 4.90 -40.21
N VAL C 91 -6.72 4.52 -38.95
CA VAL C 91 -6.96 3.11 -38.61
C VAL C 91 -8.30 3.11 -37.86
N ILE C 92 -9.27 2.32 -38.33
CA ILE C 92 -10.54 2.20 -37.62
C ILE C 92 -10.61 0.75 -37.21
N ASN C 93 -11.26 0.48 -36.08
CA ASN C 93 -11.36 -0.89 -35.60
C ASN C 93 -12.74 -1.12 -34.99
N ILE C 94 -12.87 -2.26 -34.32
CA ILE C 94 -14.06 -2.56 -33.51
C ILE C 94 -13.39 -2.70 -32.14
N HIS C 95 -13.89 -1.94 -31.18
CA HIS C 95 -13.25 -1.86 -29.87
C HIS C 95 -14.30 -2.07 -28.78
N HIS C 96 -13.92 -2.77 -27.71
CA HIS C 96 -14.81 -3.01 -26.56
C HIS C 96 -16.15 -3.65 -26.87
N TYR C 97 -16.16 -4.75 -27.62
CA TYR C 97 -17.45 -5.43 -27.90
C TYR C 97 -17.36 -6.48 -26.82
N GLU C 98 -17.62 -6.05 -25.59
CA GLU C 98 -17.52 -6.94 -24.43
C GLU C 98 -18.38 -8.20 -24.57
N GLU C 99 -19.63 -8.04 -25.01
CA GLU C 99 -20.52 -9.19 -25.12
C GLU C 99 -19.87 -10.25 -25.95
N LEU C 100 -19.26 -9.82 -27.08
CA LEU C 100 -18.57 -10.73 -27.99
C LEU C 100 -17.41 -11.45 -27.28
N MET C 101 -16.58 -10.73 -26.51
CA MET C 101 -15.48 -11.39 -25.77
C MET C 101 -16.03 -12.46 -24.77
N ASN C 102 -17.17 -12.16 -24.13
CA ASN C 102 -17.73 -13.13 -23.15
C ASN C 102 -18.61 -14.23 -23.73
N ASP C 103 -19.25 -13.97 -24.87
CA ASP C 103 -20.10 -14.99 -25.51
C ASP C 103 -19.85 -14.86 -27.01
N PRO C 104 -18.68 -15.37 -27.50
CA PRO C 104 -18.31 -15.30 -28.92
C PRO C 104 -19.34 -15.93 -29.86
N GLU C 105 -19.76 -17.13 -29.46
CA GLU C 105 -20.70 -17.87 -30.23
C GLU C 105 -22.02 -17.16 -30.39
N GLU C 106 -22.49 -16.42 -29.38
CA GLU C 106 -23.79 -15.72 -29.53
C GLU C 106 -23.65 -14.44 -30.39
N HIS C 107 -22.46 -13.85 -30.34
CA HIS C 107 -22.17 -12.59 -31.04
C HIS C 107 -21.43 -12.64 -32.36
N LYS C 108 -20.73 -13.75 -32.64
CA LYS C 108 -20.00 -13.91 -33.90
C LYS C 108 -20.76 -13.32 -35.10
N GLU C 109 -21.92 -13.91 -35.37
CA GLU C 109 -22.79 -13.48 -36.46
C GLU C 109 -23.01 -11.96 -36.46
N ARG C 110 -23.24 -11.40 -35.29
CA ARG C 110 -23.45 -9.94 -35.19
C ARG C 110 -22.11 -9.22 -35.56
N PHE C 111 -21.02 -9.73 -35.02
CA PHE C 111 -19.66 -9.20 -35.27
C PHE C 111 -19.36 -9.16 -36.79
N LEU C 112 -19.54 -10.30 -37.45
CA LEU C 112 -19.29 -10.42 -38.91
C LEU C 112 -20.15 -9.52 -39.78
N ALA C 113 -21.38 -9.28 -39.37
CA ALA C 113 -22.27 -8.42 -40.14
C ALA C 113 -21.80 -6.95 -39.93
N LEU C 114 -21.15 -6.68 -38.78
CA LEU C 114 -20.63 -5.33 -38.54
C LEU C 114 -19.54 -5.10 -39.60
N TRP C 115 -18.59 -6.05 -39.68
CA TRP C 115 -17.49 -5.94 -40.64
C TRP C 115 -17.99 -5.89 -42.07
N LYS C 116 -18.97 -6.73 -42.39
CA LYS C 116 -19.49 -6.71 -43.73
C LYS C 116 -19.96 -5.30 -44.02
N GLN C 117 -20.69 -4.68 -43.10
CA GLN C 117 -21.22 -3.35 -43.34
C GLN C 117 -20.16 -2.28 -43.38
N ILE C 118 -19.21 -2.41 -42.47
CA ILE C 118 -18.11 -1.47 -42.42
C ILE C 118 -17.30 -1.53 -43.71
N ALA C 119 -16.93 -2.74 -44.12
CA ALA C 119 -16.15 -2.91 -45.33
C ALA C 119 -16.91 -2.39 -46.55
N ASP C 120 -18.20 -2.64 -46.58
CA ASP C 120 -19.02 -2.18 -47.68
C ASP C 120 -19.09 -0.67 -47.74
N ARG C 121 -19.07 -0.01 -46.60
CA ARG C 121 -19.21 1.45 -46.61
C ARG C 121 -17.92 2.13 -47.02
N TYR C 122 -16.82 1.51 -46.66
CA TYR C 122 -15.53 2.15 -46.90
C TYR C 122 -14.63 1.48 -47.93
N LYS C 123 -15.14 0.52 -48.69
CA LYS C 123 -14.33 -0.20 -49.67
C LYS C 123 -13.64 0.66 -50.73
N ASP C 124 -14.26 1.79 -51.07
CA ASP C 124 -13.72 2.70 -52.06
C ASP C 124 -13.07 3.93 -51.43
N TYR C 125 -12.84 3.87 -50.11
CA TYR C 125 -12.18 4.98 -49.42
C TYR C 125 -10.71 4.80 -49.77
N PRO C 126 -9.91 5.86 -49.67
CA PRO C 126 -8.49 5.72 -50.01
C PRO C 126 -7.73 4.57 -49.36
N GLU C 127 -6.59 4.25 -49.95
CA GLU C 127 -5.77 3.16 -49.44
C GLU C 127 -5.09 3.54 -48.13
N THR C 128 -5.29 4.78 -47.69
CA THR C 128 -4.71 5.24 -46.43
C THR C 128 -5.63 4.93 -45.25
N LEU C 129 -6.73 4.21 -45.50
CA LEU C 129 -7.62 3.80 -44.42
C LEU C 129 -7.26 2.34 -44.17
N PHE C 130 -7.19 1.92 -42.92
CA PHE C 130 -6.81 0.55 -42.55
C PHE C 130 -7.93 -0.05 -41.71
N PHE C 131 -8.11 -1.36 -41.78
CA PHE C 131 -9.18 -2.05 -41.05
C PHE C 131 -8.62 -2.95 -39.98
N GLU C 132 -8.81 -2.59 -38.70
CA GLU C 132 -8.28 -3.41 -37.60
C GLU C 132 -9.40 -4.29 -37.06
N ILE C 133 -9.25 -5.59 -37.26
CA ILE C 133 -10.30 -6.51 -36.91
C ILE C 133 -10.97 -6.38 -35.55
N LEU C 134 -10.19 -6.51 -34.48
CA LEU C 134 -10.79 -6.39 -33.17
C LEU C 134 -9.74 -5.98 -32.17
N ASN C 135 -10.03 -4.93 -31.40
CA ASN C 135 -9.10 -4.50 -30.37
C ASN C 135 -8.97 -5.53 -29.26
N GLU C 136 -7.74 -5.90 -28.93
CA GLU C 136 -7.32 -6.79 -27.82
C GLU C 136 -8.25 -7.95 -27.41
N PRO C 137 -8.40 -8.92 -28.25
CA PRO C 137 -9.33 -9.98 -27.93
C PRO C 137 -8.97 -10.61 -26.63
N HIS C 138 -9.95 -11.04 -25.88
CA HIS C 138 -9.75 -11.65 -24.55
C HIS C 138 -10.85 -12.53 -24.06
N GLY C 139 -10.57 -13.07 -22.94
CA GLY C 139 -11.55 -13.96 -22.41
C GLY C 139 -11.31 -15.33 -22.83
N ASN C 140 -12.44 -15.87 -22.99
CA ASN C 140 -12.58 -17.23 -23.50
C ASN C 140 -11.74 -17.33 -24.78
N LEU C 141 -11.65 -16.20 -25.48
CA LEU C 141 -10.91 -16.00 -26.72
C LEU C 141 -9.42 -16.05 -26.38
N THR C 142 -8.99 -17.20 -25.90
CA THR C 142 -7.60 -17.40 -25.53
C THR C 142 -6.91 -17.63 -26.84
N PRO C 143 -5.56 -17.74 -26.86
CA PRO C 143 -4.68 -17.97 -28.02
C PRO C 143 -5.33 -18.74 -29.15
N GLU C 144 -6.57 -18.33 -29.28
CA GLU C 144 -7.51 -18.67 -30.28
C GLU C 144 -8.51 -19.75 -30.48
N LYS C 145 -9.62 -19.05 -30.66
CA LYS C 145 -11.00 -19.30 -30.93
C LYS C 145 -11.04 -17.97 -31.75
N TRP C 146 -10.01 -17.15 -31.52
CA TRP C 146 -9.80 -15.86 -32.19
C TRP C 146 -9.30 -16.16 -33.60
N ASN C 147 -8.34 -17.09 -33.70
CA ASN C 147 -7.82 -17.54 -34.99
C ASN C 147 -8.99 -17.93 -35.87
N GLU C 148 -10.00 -18.57 -35.31
CA GLU C 148 -11.10 -18.91 -36.17
C GLU C 148 -11.95 -17.69 -36.48
N LEU C 149 -12.23 -16.85 -35.48
CA LEU C 149 -13.06 -15.67 -35.73
C LEU C 149 -12.41 -14.75 -36.74
N LEU C 150 -11.10 -14.55 -36.59
CA LEU C 150 -10.42 -13.66 -37.51
C LEU C 150 -10.46 -14.20 -38.95
N GLU C 151 -10.35 -15.52 -39.13
CA GLU C 151 -10.39 -16.09 -40.47
C GLU C 151 -11.73 -15.79 -41.10
N GLU C 152 -12.78 -15.94 -40.29
CA GLU C 152 -14.11 -15.67 -40.78
C GLU C 152 -14.24 -14.18 -41.11
N ALA C 153 -13.63 -13.33 -40.29
CA ALA C 153 -13.68 -11.88 -40.53
C ALA C 153 -12.94 -11.51 -41.84
N LEU C 154 -11.77 -12.11 -42.07
CA LEU C 154 -10.98 -11.85 -43.28
C LEU C 154 -11.80 -12.19 -44.52
N LYS C 155 -12.43 -13.37 -44.50
CA LYS C 155 -13.28 -13.82 -45.59
C LYS C 155 -14.44 -12.86 -45.82
N VAL C 156 -15.04 -12.35 -44.75
CA VAL C 156 -16.15 -11.41 -44.95
C VAL C 156 -15.63 -10.13 -45.66
N ILE C 157 -14.53 -9.61 -45.11
CA ILE C 157 -13.92 -8.40 -45.62
C ILE C 157 -13.45 -8.57 -47.07
N ARG C 158 -12.66 -9.62 -47.29
CA ARG C 158 -12.08 -9.89 -48.60
C ARG C 158 -13.07 -10.23 -49.69
N SER C 159 -14.27 -10.68 -49.32
CA SER C 159 -15.27 -10.97 -50.31
C SER C 159 -15.82 -9.62 -50.77
N ILE C 160 -15.47 -8.57 -50.03
CA ILE C 160 -15.97 -7.24 -50.35
C ILE C 160 -14.85 -6.25 -50.71
N ASP C 161 -13.69 -6.44 -50.13
CA ASP C 161 -12.61 -5.46 -50.28
C ASP C 161 -11.26 -6.16 -50.23
N LYS C 162 -10.56 -6.16 -51.36
CA LYS C 162 -9.25 -6.77 -51.47
C LYS C 162 -8.21 -5.68 -51.62
N LYS C 163 -8.65 -4.45 -51.44
CA LYS C 163 -7.76 -3.30 -51.55
C LYS C 163 -7.16 -2.87 -50.22
N HIS C 164 -7.99 -2.67 -49.21
CA HIS C 164 -7.44 -2.19 -47.93
C HIS C 164 -6.62 -3.19 -47.11
N THR C 165 -5.53 -2.66 -46.52
CA THR C 165 -4.68 -3.44 -45.64
C THR C 165 -5.47 -3.67 -44.35
N ILE C 166 -5.40 -4.90 -43.84
CA ILE C 166 -6.11 -5.27 -42.65
C ILE C 166 -5.10 -5.43 -41.51
N ILE C 167 -5.54 -5.11 -40.29
CA ILE C 167 -4.67 -5.20 -39.13
C ILE C 167 -5.20 -6.22 -38.16
N ILE C 168 -4.32 -7.16 -37.82
CA ILE C 168 -4.63 -8.29 -36.96
C ILE C 168 -3.87 -8.34 -35.62
N GLY C 169 -4.64 -8.24 -34.55
CA GLY C 169 -4.02 -8.27 -33.24
C GLY C 169 -3.90 -9.68 -32.67
N THR C 170 -3.33 -9.76 -31.48
CA THR C 170 -3.14 -11.04 -30.80
C THR C 170 -4.18 -11.18 -29.70
N ALA C 171 -4.28 -12.38 -29.18
CA ALA C 171 -5.25 -12.67 -28.13
C ALA C 171 -4.64 -12.43 -26.73
N GLU C 172 -5.41 -12.80 -25.70
CA GLU C 172 -4.93 -12.58 -24.34
C GLU C 172 -4.63 -11.11 -24.12
N TRP C 173 -5.56 -10.22 -24.47
CA TRP C 173 -5.40 -8.76 -24.30
C TRP C 173 -4.39 -8.02 -25.22
N GLY C 174 -4.14 -8.55 -26.42
CA GLY C 174 -3.29 -7.88 -27.40
C GLY C 174 -1.80 -7.66 -27.20
N GLY C 175 -1.23 -8.27 -26.17
CA GLY C 175 0.20 -8.10 -25.95
C GLY C 175 1.04 -9.17 -26.63
N ILE C 176 2.29 -9.29 -26.18
CA ILE C 176 3.25 -10.27 -26.70
C ILE C 176 2.95 -11.71 -26.28
N SER C 177 2.30 -11.88 -25.13
CA SER C 177 2.00 -13.20 -24.59
C SER C 177 1.45 -14.20 -25.58
N ALA C 178 0.50 -13.75 -26.41
CA ALA C 178 -0.14 -14.62 -27.37
C ALA C 178 0.38 -14.44 -28.80
N LEU C 179 1.55 -13.88 -28.97
CA LEU C 179 2.04 -13.69 -30.33
C LEU C 179 2.32 -15.01 -31.03
N GLU C 180 3.17 -15.80 -30.40
CA GLU C 180 3.57 -17.07 -30.94
C GLU C 180 2.35 -17.98 -31.12
N LYS C 181 1.20 -17.56 -30.61
CA LYS C 181 0.00 -18.36 -30.72
C LYS C 181 -0.94 -17.88 -31.84
N LEU C 182 -0.55 -16.78 -32.48
CA LEU C 182 -1.35 -16.20 -33.55
C LEU C 182 -1.24 -16.96 -34.85
N SER C 183 -2.39 -17.22 -35.45
CA SER C 183 -2.41 -17.93 -36.73
C SER C 183 -3.07 -17.06 -37.79
N VAL C 184 -2.27 -16.50 -38.68
CA VAL C 184 -2.82 -15.67 -39.76
C VAL C 184 -3.05 -16.56 -40.98
N PRO C 185 -4.21 -16.45 -41.62
CA PRO C 185 -4.51 -17.28 -42.79
C PRO C 185 -3.44 -17.17 -43.88
N LYS C 186 -2.94 -18.32 -44.30
CA LYS C 186 -1.90 -18.44 -45.32
C LYS C 186 -2.25 -17.74 -46.64
N TRP C 187 -3.54 -17.62 -46.91
CA TRP C 187 -4.02 -17.00 -48.12
C TRP C 187 -4.07 -15.45 -48.07
N GLU C 188 -4.09 -14.89 -46.87
CA GLU C 188 -4.15 -13.43 -46.71
C GLU C 188 -2.74 -12.85 -46.82
N LYS C 189 -2.55 -11.90 -47.72
CA LYS C 189 -1.21 -11.33 -47.92
C LYS C 189 -1.12 -9.81 -47.83
N ASN C 190 -2.19 -9.16 -47.35
CA ASN C 190 -2.17 -7.71 -47.20
C ASN C 190 -2.67 -7.35 -45.80
N SER C 191 -1.98 -7.89 -44.80
CA SER C 191 -2.30 -7.66 -43.40
C SER C 191 -1.07 -7.28 -42.59
N ILE C 192 -1.32 -6.50 -41.55
CA ILE C 192 -0.29 -6.07 -40.64
C ILE C 192 -0.66 -6.62 -39.27
N VAL C 193 0.33 -7.12 -38.55
CA VAL C 193 0.11 -7.64 -37.21
C VAL C 193 0.37 -6.54 -36.19
N THR C 194 -0.54 -6.43 -35.23
CA THR C 194 -0.43 -5.41 -34.23
C THR C 194 -0.34 -6.03 -32.85
N ILE C 195 0.48 -5.37 -32.06
CA ILE C 195 0.78 -5.72 -30.69
C ILE C 195 0.68 -4.43 -29.85
N HIS C 196 0.12 -4.53 -28.65
CA HIS C 196 0.03 -3.35 -27.81
C HIS C 196 1.13 -3.50 -26.78
N TYR C 197 1.95 -2.47 -26.58
CA TYR C 197 3.03 -2.64 -25.64
C TYR C 197 2.95 -1.74 -24.41
N TYR C 198 2.81 -2.36 -23.25
CA TYR C 198 2.73 -1.64 -21.99
C TYR C 198 3.68 -2.20 -20.93
N ASN C 199 4.65 -3.04 -21.30
CA ASN C 199 5.54 -3.62 -20.29
C ASN C 199 6.66 -2.66 -19.88
N PRO C 200 7.07 -2.63 -18.60
CA PRO C 200 6.62 -3.37 -17.41
C PRO C 200 5.27 -2.81 -17.10
N PHE C 201 4.28 -3.68 -17.00
CA PHE C 201 2.95 -3.24 -16.76
C PHE C 201 2.84 -2.55 -15.41
N GLU C 202 3.62 -3.02 -14.44
CA GLU C 202 3.60 -2.43 -13.13
C GLU C 202 4.03 -0.95 -13.23
N PHE C 203 4.81 -0.62 -14.22
CA PHE C 203 5.22 0.78 -14.34
C PHE C 203 4.23 1.63 -15.10
N THR C 204 3.88 1.20 -16.30
CA THR C 204 2.96 1.98 -17.13
C THR C 204 1.56 2.06 -16.56
N HIS C 205 1.16 1.05 -15.81
CA HIS C 205 -0.21 1.03 -15.25
C HIS C 205 -0.28 1.17 -13.73
N GLN C 206 0.78 1.67 -13.09
CA GLN C 206 0.77 1.82 -11.63
C GLN C 206 -0.42 2.70 -11.25
N GLY C 207 -1.21 2.22 -10.30
CA GLY C 207 -2.37 2.98 -9.87
C GLY C 207 -3.52 3.05 -10.85
N ALA C 208 -3.44 2.36 -11.99
CA ALA C 208 -4.54 2.42 -12.97
C ALA C 208 -5.81 1.87 -12.31
N GLU C 209 -6.90 2.61 -12.37
CA GLU C 209 -8.12 2.19 -11.68
C GLU C 209 -8.71 0.88 -12.17
N TRP C 210 -8.50 0.58 -13.43
CA TRP C 210 -9.06 -0.62 -14.05
C TRP C 210 -8.17 -1.86 -13.95
N VAL C 211 -7.02 -1.76 -13.27
CA VAL C 211 -6.13 -2.91 -13.16
C VAL C 211 -6.07 -3.38 -11.70
N GLU C 212 -6.43 -4.63 -11.48
CA GLU C 212 -6.44 -5.14 -10.13
C GLU C 212 -5.08 -5.07 -9.48
N GLY C 213 -5.05 -4.61 -8.22
CA GLY C 213 -3.82 -4.56 -7.45
C GLY C 213 -2.86 -3.47 -7.82
N SER C 214 -3.20 -2.66 -8.83
CA SER C 214 -2.27 -1.61 -9.31
C SER C 214 -1.80 -0.58 -8.33
N GLU C 215 -2.51 -0.41 -7.23
CA GLU C 215 -2.12 0.59 -6.23
C GLU C 215 -0.78 0.27 -5.56
N LYS C 216 -0.40 -1.00 -5.50
CA LYS C 216 0.87 -1.29 -4.88
C LYS C 216 2.07 -0.89 -5.76
N TRP C 217 1.83 -0.61 -7.03
CA TRP C 217 2.90 -0.23 -7.95
C TRP C 217 3.25 1.24 -7.94
N LEU C 218 2.40 2.05 -7.31
CA LEU C 218 2.65 3.50 -7.26
C LEU C 218 4.06 3.86 -6.80
N GLY C 219 4.71 4.80 -7.48
CA GLY C 219 6.07 5.16 -7.13
C GLY C 219 7.09 4.44 -8.00
N ARG C 220 6.65 3.44 -8.76
CA ARG C 220 7.57 2.69 -9.65
C ARG C 220 8.23 3.60 -10.67
N LYS C 221 9.54 3.49 -10.84
CA LYS C 221 10.27 4.32 -11.80
C LYS C 221 10.62 3.46 -13.02
N TRP C 222 11.20 4.06 -14.06
CA TRP C 222 11.64 3.29 -15.21
C TRP C 222 12.88 3.97 -15.74
N GLY C 223 13.88 3.20 -16.14
CA GLY C 223 15.11 3.80 -16.65
C GLY C 223 16.39 2.97 -16.51
N SER C 224 16.47 2.07 -15.54
CA SER C 224 17.70 1.30 -15.37
C SER C 224 18.11 0.49 -16.61
N PRO C 225 19.42 0.21 -16.73
CA PRO C 225 19.95 -0.56 -17.87
C PRO C 225 19.22 -1.89 -17.88
N ASP C 226 18.84 -2.31 -16.68
CA ASP C 226 18.10 -3.54 -16.49
C ASP C 226 16.72 -3.33 -17.16
N ASP C 227 16.08 -2.17 -16.91
CA ASP C 227 14.76 -1.85 -17.49
C ASP C 227 14.84 -1.92 -19.02
N GLN C 228 15.92 -1.37 -19.57
CA GLN C 228 16.13 -1.36 -21.01
C GLN C 228 16.39 -2.70 -21.68
N LYS C 229 17.20 -3.55 -21.04
CA LYS C 229 17.53 -4.83 -21.63
C LYS C 229 16.29 -5.68 -21.76
N HIS C 230 15.51 -5.67 -20.69
CA HIS C 230 14.30 -6.46 -20.68
C HIS C 230 13.37 -6.04 -21.82
N LEU C 231 13.29 -4.74 -22.05
CA LEU C 231 12.41 -4.23 -23.09
C LEU C 231 12.91 -4.65 -24.47
N ILE C 232 14.21 -4.60 -24.70
CA ILE C 232 14.75 -4.99 -25.97
C ILE C 232 14.65 -6.52 -26.16
N GLU C 233 14.82 -7.24 -25.07
CA GLU C 233 14.71 -8.67 -25.21
C GLU C 233 13.32 -8.94 -25.82
N GLU C 234 12.29 -8.31 -25.25
CA GLU C 234 10.94 -8.52 -25.76
C GLU C 234 10.76 -8.01 -27.21
N PHE C 235 11.33 -6.87 -27.54
CA PHE C 235 11.21 -6.35 -28.90
C PHE C 235 11.82 -7.32 -29.93
N ASN C 236 13.00 -7.88 -29.59
CA ASN C 236 13.64 -8.85 -30.47
C ASN C 236 12.75 -10.04 -30.67
N PHE C 237 12.15 -10.50 -29.58
CA PHE C 237 11.25 -11.61 -29.69
C PHE C 237 10.20 -11.27 -30.75
N ILE C 238 9.65 -10.06 -30.70
CA ILE C 238 8.61 -9.61 -31.66
C ILE C 238 9.18 -9.54 -33.07
N GLU C 239 10.33 -8.92 -33.15
CA GLU C 239 11.00 -8.77 -34.42
C GLU C 239 11.30 -10.11 -35.13
N GLU C 240 11.81 -11.10 -34.41
CA GLU C 240 12.07 -12.35 -35.08
C GLU C 240 10.79 -13.01 -35.50
N TRP C 241 9.73 -12.84 -34.72
CA TRP C 241 8.48 -13.45 -35.12
C TRP C 241 8.10 -12.86 -36.47
N SER C 242 8.36 -11.57 -36.65
CA SER C 242 8.02 -10.84 -37.88
C SER C 242 8.70 -11.36 -39.14
N LYS C 243 9.99 -11.61 -39.05
CA LYS C 243 10.78 -12.14 -40.16
C LYS C 243 10.39 -13.59 -40.51
N LYS C 244 10.15 -14.41 -39.49
CA LYS C 244 9.77 -15.80 -39.76
C LYS C 244 8.40 -15.88 -40.40
N ASN C 245 7.46 -15.10 -39.87
CA ASN C 245 6.13 -15.14 -40.44
C ASN C 245 5.90 -14.07 -41.49
N LYS C 246 6.92 -13.27 -41.76
CA LYS C 246 6.84 -12.21 -42.76
C LYS C 246 5.53 -11.42 -42.81
N ARG C 247 5.28 -10.71 -41.71
CA ARG C 247 4.09 -9.87 -41.54
C ARG C 247 4.64 -8.57 -40.93
N PRO C 248 4.28 -7.37 -41.47
CA PRO C 248 4.83 -6.16 -40.83
C PRO C 248 4.23 -5.98 -39.41
N ILE C 249 4.86 -5.14 -38.60
CA ILE C 249 4.41 -4.89 -37.22
C ILE C 249 3.97 -3.46 -36.90
N TYR C 250 2.81 -3.38 -36.25
CA TYR C 250 2.23 -2.11 -35.84
C TYR C 250 1.96 -2.19 -34.32
N ILE C 251 2.63 -1.34 -33.56
CA ILE C 251 2.41 -1.29 -32.12
C ILE C 251 1.30 -0.26 -32.00
N GLY C 252 0.06 -0.76 -32.11
CA GLY C 252 -1.08 0.14 -32.14
C GLY C 252 -1.45 0.94 -30.94
N ALA C 253 -0.88 0.57 -29.79
CA ALA C 253 -1.14 1.25 -28.52
C ALA C 253 -0.01 1.00 -27.53
N PHE C 254 0.61 2.07 -27.05
CA PHE C 254 1.66 2.01 -26.05
C PHE C 254 1.61 3.32 -25.28
N GLY C 255 1.91 3.27 -24.00
CA GLY C 255 1.89 4.47 -23.20
C GLY C 255 2.02 4.19 -21.72
N ALA C 256 2.37 5.24 -20.98
CA ALA C 256 2.51 5.15 -19.54
C ALA C 256 1.48 6.08 -18.91
N TYR C 257 0.69 5.55 -17.99
CA TYR C 257 -0.36 6.32 -17.32
C TYR C 257 0.17 7.52 -16.49
N ARG C 258 -0.62 8.57 -16.46
CA ARG C 258 -0.29 9.82 -15.76
C ARG C 258 0.09 9.71 -14.28
N LYS C 259 -0.28 8.62 -13.61
CA LYS C 259 0.10 8.46 -12.21
C LYS C 259 1.61 8.14 -12.01
N ALA C 260 2.27 7.71 -13.08
CA ALA C 260 3.69 7.38 -13.05
C ALA C 260 4.48 8.69 -13.08
N ASP C 261 5.61 8.77 -12.38
CA ASP C 261 6.33 10.05 -12.46
C ASP C 261 6.74 10.37 -13.91
N LEU C 262 6.59 11.64 -14.22
CA LEU C 262 6.84 12.22 -15.52
C LEU C 262 8.21 11.89 -16.10
N GLU C 263 9.27 12.03 -15.31
CA GLU C 263 10.58 11.74 -15.85
C GLU C 263 10.62 10.33 -16.39
N SER C 264 10.13 9.36 -15.62
CA SER C 264 10.14 8.00 -16.09
C SER C 264 9.24 7.81 -17.31
N ARG C 265 8.08 8.45 -17.32
CA ARG C 265 7.18 8.33 -18.47
C ARG C 265 7.87 8.81 -19.73
N ILE C 266 8.63 9.89 -19.59
CA ILE C 266 9.32 10.41 -20.73
C ILE C 266 10.41 9.46 -21.20
N LYS C 267 11.13 8.85 -20.26
CA LYS C 267 12.20 7.95 -20.60
C LYS C 267 11.66 6.71 -21.27
N TRP C 268 10.61 6.13 -20.68
CA TRP C 268 10.01 4.92 -21.24
C TRP C 268 9.44 5.19 -22.66
N THR C 269 8.72 6.30 -22.82
CA THR C 269 8.11 6.62 -24.11
C THR C 269 9.14 6.84 -25.21
N SER C 270 10.15 7.66 -24.92
CA SER C 270 11.24 7.93 -25.86
C SER C 270 11.95 6.66 -26.28
N PHE C 271 12.36 5.85 -25.29
CA PHE C 271 13.08 4.62 -25.54
C PHE C 271 12.24 3.71 -26.43
N VAL C 272 10.98 3.54 -26.07
CA VAL C 272 10.08 2.72 -26.84
C VAL C 272 10.03 3.15 -28.33
N VAL C 273 9.82 4.44 -28.54
CA VAL C 273 9.74 4.96 -29.90
C VAL C 273 11.01 4.67 -30.68
N ARG C 274 12.16 4.91 -30.06
CA ARG C 274 13.42 4.67 -30.73
C ARG C 274 13.61 3.21 -31.09
N GLU C 275 13.30 2.33 -30.16
CA GLU C 275 13.45 0.93 -30.41
C GLU C 275 12.46 0.39 -31.44
N MET C 276 11.26 0.96 -31.51
CA MET C 276 10.28 0.52 -32.52
C MET C 276 10.77 1.00 -33.88
N GLU C 277 11.23 2.24 -33.97
CA GLU C 277 11.66 2.74 -35.26
C GLU C 277 12.90 2.07 -35.83
N LYS C 278 13.83 1.66 -34.95
CA LYS C 278 15.02 0.98 -35.44
C LYS C 278 14.51 -0.25 -36.17
N ARG C 279 13.50 -0.88 -35.58
CA ARG C 279 12.95 -2.06 -36.17
C ARG C 279 11.93 -1.77 -37.25
N ARG C 280 11.83 -0.49 -37.63
CA ARG C 280 10.90 -0.02 -38.68
C ARG C 280 9.40 -0.32 -38.49
N TRP C 281 8.97 -0.42 -37.24
CA TRP C 281 7.55 -0.68 -36.98
C TRP C 281 6.75 0.63 -37.02
N SER C 282 5.45 0.53 -37.28
CA SER C 282 4.63 1.72 -37.24
C SER C 282 4.10 1.65 -35.80
N TRP C 283 3.52 2.75 -35.32
CA TRP C 283 2.99 2.80 -33.98
C TRP C 283 1.98 3.91 -33.78
N ALA C 284 1.16 3.77 -32.73
CA ALA C 284 0.17 4.78 -32.37
C ALA C 284 0.20 4.94 -30.84
N TYR C 285 0.54 6.15 -30.40
CA TYR C 285 0.62 6.43 -28.97
C TYR C 285 -0.73 6.42 -28.31
N TRP C 286 -0.79 5.83 -27.14
CA TRP C 286 -1.99 5.80 -26.33
C TRP C 286 -1.79 6.76 -25.16
N GLU C 287 -2.47 7.93 -25.16
CA GLU C 287 -3.34 8.37 -26.25
C GLU C 287 -3.30 9.92 -26.37
N PHE C 288 -4.17 10.49 -27.20
CA PHE C 288 -4.15 11.94 -27.43
C PHE C 288 -4.31 12.87 -26.24
N CYS C 289 -5.46 12.86 -25.58
CA CYS C 289 -5.68 13.84 -24.53
C CYS C 289 -6.37 13.45 -23.26
N SER C 290 -6.44 12.17 -22.95
CA SER C 290 -7.11 11.77 -21.73
C SER C 290 -6.10 11.36 -20.63
N GLY C 291 -6.33 10.27 -19.92
CA GLY C 291 -5.42 9.88 -18.84
C GLY C 291 -3.96 9.55 -19.18
N PHE C 292 -3.66 9.32 -20.47
CA PHE C 292 -2.29 9.02 -20.89
C PHE C 292 -1.93 10.16 -21.84
N GLY C 293 -2.82 11.15 -21.87
CA GLY C 293 -2.73 12.26 -22.79
C GLY C 293 -1.46 13.05 -22.89
N VAL C 294 -1.23 13.58 -24.07
CA VAL C 294 -0.03 14.38 -24.31
C VAL C 294 -0.49 15.77 -24.70
N TYR C 295 -1.81 15.95 -24.85
CA TYR C 295 -2.36 17.23 -25.26
C TYR C 295 -3.46 17.70 -24.33
N ASP C 296 -3.38 18.96 -23.91
CA ASP C 296 -4.38 19.55 -23.03
C ASP C 296 -5.30 20.36 -23.93
N THR C 297 -6.56 19.92 -23.95
CA THR C 297 -7.61 20.52 -24.77
C THR C 297 -7.98 21.93 -24.32
N LEU C 298 -7.97 22.15 -23.01
CA LEU C 298 -8.29 23.46 -22.49
C LEU C 298 -7.26 24.46 -22.97
N ARG C 299 -6.10 24.49 -22.34
CA ARG C 299 -5.03 25.43 -22.74
C ARG C 299 -4.67 25.28 -24.21
N LYS C 300 -4.89 24.09 -24.76
CA LYS C 300 -4.59 23.81 -26.15
C LYS C 300 -3.09 23.80 -26.41
N THR C 301 -2.34 23.10 -25.58
CA THR C 301 -0.92 22.98 -25.81
C THR C 301 -0.50 21.55 -25.55
N TRP C 302 0.68 21.21 -26.09
CA TRP C 302 1.24 19.89 -25.92
C TRP C 302 2.21 19.84 -24.74
N ASN C 303 2.27 18.68 -24.10
CA ASN C 303 3.24 18.48 -23.07
C ASN C 303 4.50 18.40 -23.96
N LYS C 304 5.26 19.47 -24.05
CA LYS C 304 6.41 19.46 -24.94
C LYS C 304 7.46 18.34 -24.72
N ASP C 305 7.78 17.97 -23.50
CA ASP C 305 8.75 16.90 -23.29
C ASP C 305 8.19 15.53 -23.72
N LEU C 306 6.89 15.34 -23.55
CA LEU C 306 6.25 14.08 -23.97
C LEU C 306 6.11 14.06 -25.49
N LEU C 307 5.75 15.19 -26.09
CA LEU C 307 5.64 15.27 -27.53
C LEU C 307 7.01 14.92 -28.16
N GLU C 308 8.06 15.45 -27.55
CA GLU C 308 9.43 15.23 -28.04
C GLU C 308 9.74 13.76 -28.00
N ALA C 309 9.29 13.11 -26.94
CA ALA C 309 9.50 11.67 -26.78
C ALA C 309 8.98 10.93 -28.01
N LEU C 310 7.84 11.38 -28.55
CA LEU C 310 7.24 10.76 -29.72
C LEU C 310 7.74 11.36 -31.03
N ILE C 311 7.77 12.70 -31.01
CA ILE C 311 8.12 13.73 -32.03
C ILE C 311 7.17 13.96 -33.18
N MET D 1 7.86 -36.33 22.18
CA MET D 1 9.08 -35.51 22.40
C MET D 1 8.74 -34.05 22.13
N GLY D 2 9.10 -33.56 20.94
CA GLY D 2 8.80 -32.19 20.53
C GLY D 2 9.75 -31.03 20.80
N VAL D 3 10.98 -31.04 20.27
CA VAL D 3 11.83 -29.90 20.53
C VAL D 3 11.51 -28.74 19.57
N ASP D 4 10.46 -28.01 19.92
CA ASP D 4 9.92 -26.88 19.19
C ASP D 4 10.82 -26.27 18.13
N PRO D 5 10.38 -26.36 16.85
CA PRO D 5 11.06 -25.87 15.67
C PRO D 5 11.36 -24.38 15.67
N PHE D 6 10.47 -23.59 16.31
CA PHE D 6 10.69 -22.15 16.41
C PHE D 6 11.83 -21.85 17.33
N GLU D 7 11.97 -22.64 18.39
CA GLU D 7 13.09 -22.48 19.33
C GLU D 7 14.36 -22.85 18.56
N ARG D 8 14.24 -23.88 17.74
CA ARG D 8 15.33 -24.34 16.90
C ARG D 8 15.80 -23.23 15.99
N ASN D 9 14.84 -22.53 15.41
CA ASN D 9 15.16 -21.45 14.50
C ASN D 9 15.89 -20.34 15.21
N LYS D 10 15.58 -20.16 16.49
CA LYS D 10 16.23 -19.14 17.29
C LYS D 10 17.63 -19.65 17.53
N ILE D 11 17.76 -20.95 17.81
CA ILE D 11 19.05 -21.59 18.02
C ILE D 11 19.97 -21.32 16.83
N LEU D 12 19.43 -21.45 15.62
CA LEU D 12 20.18 -21.24 14.39
C LEU D 12 20.66 -19.83 14.26
N GLY D 13 19.74 -18.87 14.28
CA GLY D 13 20.16 -17.47 14.18
C GLY D 13 20.98 -17.15 12.96
N ARG D 14 22.02 -16.34 13.13
CA ARG D 14 22.90 -15.93 12.06
C ARG D 14 23.95 -17.00 11.78
N GLY D 15 24.04 -17.44 10.52
CA GLY D 15 24.97 -18.49 10.16
C GLY D 15 25.75 -18.23 8.89
N ILE D 16 26.60 -19.15 8.56
CA ILE D 16 27.35 -19.02 7.37
C ILE D 16 27.67 -20.40 6.83
N ASN D 17 27.57 -20.50 5.50
CA ASN D 17 27.82 -21.72 4.78
C ASN D 17 29.30 -21.88 4.58
N ILE D 18 29.81 -23.08 4.83
CA ILE D 18 31.20 -23.33 4.50
C ILE D 18 31.07 -24.14 3.20
N GLY D 19 31.03 -23.39 2.09
CA GLY D 19 30.83 -23.97 0.77
C GLY D 19 32.07 -24.22 -0.04
N ASN D 20 31.81 -24.77 -1.22
CA ASN D 20 32.83 -25.15 -2.16
C ASN D 20 33.84 -26.03 -1.42
N ALA D 21 33.32 -26.83 -0.50
CA ALA D 21 34.10 -27.74 0.31
C ALA D 21 33.69 -29.19 0.14
N LEU D 22 32.88 -29.68 1.06
CA LEU D 22 32.42 -31.07 1.03
C LEU D 22 31.34 -31.39 0.00
N GLU D 23 30.88 -30.37 -0.72
CA GLU D 23 29.90 -30.61 -1.76
C GLU D 23 30.55 -30.73 -3.13
N ALA D 24 31.87 -30.51 -3.22
CA ALA D 24 32.55 -30.71 -4.50
C ALA D 24 32.78 -32.21 -4.59
N PRO D 25 33.23 -32.73 -5.76
CA PRO D 25 33.45 -34.17 -5.83
C PRO D 25 34.37 -34.66 -4.72
N ASN D 26 35.48 -33.95 -4.52
CA ASN D 26 36.45 -34.24 -3.47
C ASN D 26 36.70 -32.92 -2.74
N GLU D 27 36.73 -32.94 -1.42
CA GLU D 27 36.97 -31.75 -0.64
C GLU D 27 38.28 -31.10 -1.08
N GLY D 28 38.23 -29.82 -1.41
CA GLY D 28 39.41 -29.11 -1.87
C GLY D 28 39.41 -28.84 -3.36
N ASP D 29 38.67 -29.67 -4.10
CA ASP D 29 38.58 -29.52 -5.56
C ASP D 29 38.00 -28.18 -5.97
N TRP D 30 37.07 -27.65 -5.20
CA TRP D 30 36.49 -26.36 -5.53
C TRP D 30 37.10 -25.21 -4.75
N GLY D 31 38.25 -25.45 -4.14
CA GLY D 31 38.91 -24.35 -3.45
C GLY D 31 38.94 -24.30 -1.95
N VAL D 32 38.03 -24.98 -1.29
CA VAL D 32 38.00 -24.92 0.16
C VAL D 32 38.18 -26.25 0.83
N VAL D 33 39.09 -26.30 1.81
CA VAL D 33 39.26 -27.48 2.62
C VAL D 33 38.87 -26.91 3.98
N ILE D 34 37.96 -27.56 4.70
CA ILE D 34 37.55 -27.03 5.98
C ILE D 34 38.53 -27.22 7.15
N LYS D 35 39.20 -26.15 7.54
CA LYS D 35 40.13 -26.23 8.66
C LYS D 35 39.35 -26.05 9.95
N ASP D 36 39.78 -26.75 11.00
CA ASP D 36 39.16 -26.67 12.31
C ASP D 36 39.09 -25.23 12.84
N GLU D 37 40.16 -24.45 12.65
CA GLU D 37 40.14 -23.08 13.14
C GLU D 37 39.08 -22.21 12.50
N PHE D 38 38.53 -22.64 11.36
CA PHE D 38 37.46 -21.88 10.72
C PHE D 38 36.37 -21.69 11.74
N PHE D 39 36.21 -22.66 12.62
CA PHE D 39 35.14 -22.54 13.60
C PHE D 39 35.40 -21.50 14.70
N ASP D 40 36.66 -21.26 15.05
CA ASP D 40 36.93 -20.24 16.05
C ASP D 40 36.66 -18.92 15.34
N ILE D 41 37.23 -18.78 14.15
CA ILE D 41 37.07 -17.56 13.36
C ILE D 41 35.61 -17.17 13.26
N ILE D 42 34.78 -18.12 12.85
CA ILE D 42 33.35 -17.89 12.69
C ILE D 42 32.62 -17.56 13.97
N LYS D 43 32.82 -18.39 15.01
CA LYS D 43 32.18 -18.12 16.28
C LYS D 43 32.67 -16.76 16.83
N GLU D 44 33.97 -16.50 16.83
CA GLU D 44 34.42 -15.22 17.37
C GLU D 44 33.79 -14.01 16.66
N ALA D 45 33.64 -14.08 15.33
CA ALA D 45 33.04 -12.99 14.56
C ALA D 45 31.54 -12.75 14.87
N GLY D 46 30.88 -13.67 15.55
CA GLY D 46 29.50 -13.37 15.85
C GLY D 46 28.46 -14.34 15.38
N PHE D 47 28.84 -15.28 14.54
CA PHE D 47 27.88 -16.23 14.02
C PHE D 47 27.45 -17.28 15.01
N SER D 48 26.23 -17.73 14.82
CA SER D 48 25.62 -18.73 15.68
C SER D 48 25.65 -20.20 15.19
N HIS D 49 25.74 -20.40 13.88
CA HIS D 49 25.77 -21.73 13.29
C HIS D 49 26.49 -21.73 11.95
N VAL D 50 26.82 -22.92 11.49
CA VAL D 50 27.40 -23.09 10.20
C VAL D 50 26.54 -24.10 9.46
N ARG D 51 26.38 -23.87 8.16
CA ARG D 51 25.66 -24.79 7.31
C ARG D 51 26.75 -25.49 6.52
N ILE D 52 26.67 -26.80 6.48
CA ILE D 52 27.69 -27.60 5.81
C ILE D 52 27.18 -28.44 4.61
N PRO D 53 27.35 -27.96 3.37
CA PRO D 53 26.95 -28.66 2.13
C PRO D 53 27.78 -29.96 2.05
N ILE D 54 27.14 -31.10 1.84
CA ILE D 54 27.86 -32.38 1.78
C ILE D 54 27.37 -33.22 0.60
N ARG D 55 28.27 -33.66 -0.28
CA ARG D 55 27.87 -34.48 -1.42
C ARG D 55 28.01 -35.96 -1.05
N TRP D 56 27.17 -36.41 -0.13
CA TRP D 56 27.20 -37.83 0.25
C TRP D 56 27.10 -38.82 -0.91
N SER D 57 26.39 -38.46 -1.96
CA SER D 57 26.20 -39.41 -3.06
C SER D 57 27.46 -39.88 -3.76
N THR D 58 28.50 -39.09 -3.75
CA THR D 58 29.69 -39.57 -4.40
C THR D 58 30.57 -40.35 -3.41
N HIS D 59 30.14 -40.45 -2.15
CA HIS D 59 30.91 -41.19 -1.17
C HIS D 59 30.16 -42.38 -0.57
N ALA D 60 29.26 -42.96 -1.38
CA ALA D 60 28.46 -44.13 -0.96
C ALA D 60 28.38 -45.03 -2.17
N TYR D 61 28.32 -46.33 -1.92
CA TYR D 61 28.26 -47.26 -3.04
C TYR D 61 27.01 -47.05 -3.81
N ALA D 62 27.05 -47.39 -5.10
CA ALA D 62 25.96 -47.24 -6.02
C ALA D 62 24.95 -48.39 -5.98
N PHE D 63 25.32 -49.47 -5.29
CA PHE D 63 24.48 -50.68 -5.16
C PHE D 63 24.03 -50.92 -3.71
N PRO D 64 22.84 -51.52 -3.51
CA PRO D 64 22.35 -51.79 -2.15
C PRO D 64 23.43 -52.53 -1.39
N PRO D 65 23.61 -52.25 -0.08
CA PRO D 65 22.86 -51.30 0.73
C PRO D 65 23.28 -49.82 0.63
N TYR D 66 24.04 -49.47 -0.41
CA TYR D 66 24.42 -48.09 -0.61
C TYR D 66 25.16 -47.57 0.58
N LYS D 67 26.08 -48.36 1.12
CA LYS D 67 26.80 -47.92 2.29
C LYS D 67 27.71 -46.71 2.02
N ILE D 68 27.74 -45.80 2.98
CA ILE D 68 28.55 -44.59 2.93
C ILE D 68 29.94 -45.06 3.28
N MET D 69 30.92 -44.55 2.56
CA MET D 69 32.30 -44.97 2.78
C MET D 69 32.88 -44.49 4.11
N ASP D 70 33.59 -45.38 4.80
CA ASP D 70 34.14 -45.13 6.12
C ASP D 70 34.95 -43.87 6.27
N ARG D 71 35.90 -43.64 5.40
CA ARG D 71 36.74 -42.44 5.54
C ARG D 71 35.94 -41.13 5.42
N PHE D 72 35.01 -41.07 4.46
CA PHE D 72 34.22 -39.85 4.31
C PHE D 72 33.36 -39.61 5.54
N PHE D 73 32.69 -40.64 6.04
CA PHE D 73 31.89 -40.48 7.24
C PHE D 73 32.72 -39.91 8.38
N LYS D 74 33.96 -40.37 8.49
CA LYS D 74 34.84 -39.92 9.53
C LYS D 74 35.21 -38.45 9.39
N ARG D 75 35.27 -38.01 8.15
CA ARG D 75 35.62 -36.63 7.84
C ARG D 75 34.47 -35.74 8.26
N VAL D 76 33.26 -36.16 7.93
CA VAL D 76 32.11 -35.39 8.30
C VAL D 76 32.03 -35.32 9.82
N ASP D 77 32.27 -36.44 10.52
CA ASP D 77 32.25 -36.42 12.01
C ASP D 77 33.16 -35.33 12.52
N GLU D 78 34.35 -35.28 11.96
CA GLU D 78 35.39 -34.33 12.33
C GLU D 78 34.95 -32.88 12.11
N VAL D 79 34.20 -32.62 11.04
CA VAL D 79 33.76 -31.28 10.74
C VAL D 79 32.61 -30.91 11.69
N ILE D 80 31.64 -31.80 11.86
CA ILE D 80 30.56 -31.48 12.76
C ILE D 80 31.03 -31.25 14.19
N ASN D 81 31.88 -32.12 14.69
CA ASN D 81 32.35 -31.96 16.05
C ASN D 81 33.26 -30.74 16.16
N GLY D 82 33.98 -30.43 15.11
CA GLY D 82 34.83 -29.26 15.19
C GLY D 82 33.97 -28.03 15.42
N ALA D 83 32.78 -27.98 14.79
CA ALA D 83 31.90 -26.81 14.95
C ALA D 83 31.18 -26.81 16.30
N LEU D 84 30.60 -27.93 16.69
CA LEU D 84 29.93 -28.00 17.98
C LEU D 84 30.91 -27.65 19.13
N LYS D 85 32.20 -27.93 18.99
CA LYS D 85 33.17 -27.63 20.07
C LYS D 85 33.22 -26.10 20.32
N ARG D 86 32.94 -25.32 19.30
CA ARG D 86 32.93 -23.87 19.46
C ARG D 86 31.57 -23.36 19.93
N GLY D 87 30.65 -24.26 20.17
CA GLY D 87 29.34 -23.79 20.56
C GLY D 87 28.46 -23.36 19.37
N LEU D 88 28.87 -23.70 18.16
CA LEU D 88 28.09 -23.34 16.97
C LEU D 88 27.06 -24.43 16.77
N ALA D 89 25.88 -24.05 16.28
CA ALA D 89 24.87 -25.05 15.96
C ALA D 89 25.31 -25.46 14.53
N VAL D 90 24.81 -26.57 14.05
CA VAL D 90 25.27 -27.09 12.78
C VAL D 90 24.16 -27.66 11.89
N VAL D 91 24.19 -27.27 10.62
CA VAL D 91 23.23 -27.79 9.63
C VAL D 91 23.97 -28.65 8.59
N ILE D 92 23.56 -29.91 8.43
CA ILE D 92 24.13 -30.78 7.41
C ILE D 92 23.00 -31.17 6.46
N ASN D 93 23.35 -31.40 5.20
CA ASN D 93 22.38 -31.77 4.20
C ASN D 93 22.96 -32.80 3.24
N ILE D 94 22.21 -33.08 2.22
CA ILE D 94 22.57 -33.78 1.07
C ILE D 94 22.55 -32.78 -0.11
N HIS D 95 23.66 -32.61 -0.72
CA HIS D 95 23.92 -31.57 -1.66
C HIS D 95 24.52 -32.14 -2.93
N HIS D 96 24.10 -31.62 -4.01
CA HIS D 96 24.50 -31.98 -5.31
C HIS D 96 24.39 -33.49 -5.62
N TYR D 97 23.22 -34.01 -5.43
CA TYR D 97 22.95 -35.32 -5.77
C TYR D 97 22.36 -35.32 -7.16
N GLU D 98 23.20 -35.13 -8.14
CA GLU D 98 22.75 -34.91 -9.51
C GLU D 98 21.77 -35.96 -10.09
N GLU D 99 22.10 -37.22 -9.91
CA GLU D 99 21.29 -38.30 -10.47
C GLU D 99 19.86 -38.30 -9.96
N LEU D 100 19.70 -37.95 -8.68
CA LEU D 100 18.39 -37.88 -8.04
C LEU D 100 17.53 -36.82 -8.71
N MET D 101 18.11 -35.68 -9.04
CA MET D 101 17.36 -34.65 -9.72
C MET D 101 16.97 -35.08 -11.12
N ASN D 102 17.88 -35.72 -11.83
CA ASN D 102 17.63 -36.15 -13.20
C ASN D 102 16.77 -37.44 -13.28
N ASP D 103 16.89 -38.34 -12.30
CA ASP D 103 16.13 -39.61 -12.32
C ASP D 103 15.77 -39.96 -10.87
N PRO D 104 14.78 -39.25 -10.29
CA PRO D 104 14.39 -39.49 -8.90
C PRO D 104 13.79 -40.84 -8.62
N GLU D 105 13.13 -41.39 -9.62
CA GLU D 105 12.50 -42.71 -9.52
C GLU D 105 13.55 -43.78 -9.20
N GLU D 106 14.58 -43.82 -10.03
CA GLU D 106 15.65 -44.78 -9.90
C GLU D 106 16.49 -44.58 -8.64
N HIS D 107 16.63 -43.34 -8.20
CA HIS D 107 17.45 -43.03 -7.04
C HIS D 107 16.80 -42.85 -5.70
N LYS D 108 15.50 -43.03 -5.64
CA LYS D 108 14.77 -42.86 -4.39
C LYS D 108 15.28 -43.74 -3.28
N GLU D 109 15.47 -45.02 -3.53
CA GLU D 109 15.92 -45.86 -2.44
C GLU D 109 17.31 -45.58 -1.94
N ARG D 110 18.22 -45.27 -2.84
CA ARG D 110 19.57 -44.96 -2.42
C ARG D 110 19.49 -43.71 -1.56
N PHE D 111 18.72 -42.71 -2.00
CA PHE D 111 18.59 -41.45 -1.25
C PHE D 111 18.11 -41.70 0.16
N LEU D 112 17.07 -42.51 0.26
CA LEU D 112 16.54 -42.84 1.56
C LEU D 112 17.52 -43.67 2.36
N ALA D 113 18.34 -44.49 1.69
CA ALA D 113 19.30 -45.29 2.42
C ALA D 113 20.37 -44.37 2.98
N LEU D 114 20.70 -43.32 2.24
CA LEU D 114 21.70 -42.38 2.78
C LEU D 114 21.16 -41.73 4.09
N TRP D 115 19.90 -41.29 4.08
CA TRP D 115 19.33 -40.64 5.26
C TRP D 115 19.20 -41.64 6.38
N LYS D 116 18.95 -42.90 6.04
CA LYS D 116 18.89 -43.91 7.10
C LYS D 116 20.22 -43.96 7.85
N GLN D 117 21.29 -43.97 7.08
CA GLN D 117 22.63 -44.02 7.63
C GLN D 117 23.07 -42.76 8.40
N ILE D 118 22.77 -41.57 7.85
CA ILE D 118 23.11 -40.31 8.49
C ILE D 118 22.37 -40.17 9.82
N ALA D 119 21.05 -40.42 9.79
CA ALA D 119 20.27 -40.35 11.00
C ALA D 119 20.83 -41.29 12.08
N ASP D 120 21.10 -42.53 11.71
CA ASP D 120 21.66 -43.54 12.64
C ASP D 120 22.95 -43.03 13.25
N ARG D 121 23.80 -42.52 12.39
CA ARG D 121 25.09 -42.02 12.83
C ARG D 121 24.98 -40.90 13.86
N TYR D 122 24.09 -39.96 13.60
CA TYR D 122 23.98 -38.79 14.46
C TYR D 122 22.76 -38.65 15.34
N LYS D 123 21.96 -39.69 15.50
CA LYS D 123 20.75 -39.54 16.28
C LYS D 123 20.98 -39.15 17.73
N ASP D 124 22.16 -39.44 18.28
CA ASP D 124 22.40 -39.07 19.66
C ASP D 124 23.27 -37.86 19.86
N TYR D 125 23.53 -37.16 18.77
CA TYR D 125 24.31 -35.91 18.83
C TYR D 125 23.37 -34.87 19.46
N PRO D 126 23.92 -33.72 19.91
CA PRO D 126 23.13 -32.65 20.53
C PRO D 126 22.01 -32.12 19.63
N GLU D 127 20.97 -31.56 20.23
CA GLU D 127 19.89 -31.01 19.43
C GLU D 127 20.29 -29.73 18.68
N THR D 128 21.56 -29.34 18.76
CA THR D 128 22.02 -28.17 18.01
C THR D 128 22.49 -28.63 16.58
N LEU D 129 22.28 -29.92 16.26
CA LEU D 129 22.60 -30.41 14.92
C LEU D 129 21.23 -30.54 14.21
N PHE D 130 21.14 -30.02 12.99
CA PHE D 130 19.88 -30.07 12.19
C PHE D 130 20.11 -30.86 10.91
N PHE D 131 19.10 -31.61 10.47
CA PHE D 131 19.20 -32.41 9.26
C PHE D 131 18.40 -31.78 8.14
N GLU D 132 19.09 -31.36 7.07
CA GLU D 132 18.41 -30.73 5.93
C GLU D 132 18.32 -31.81 4.83
N ILE D 133 17.11 -32.29 4.60
CA ILE D 133 16.82 -33.35 3.64
C ILE D 133 17.52 -33.29 2.29
N LEU D 134 17.31 -32.20 1.56
CA LEU D 134 17.93 -32.07 0.24
C LEU D 134 18.10 -30.64 -0.26
N ASN D 135 19.32 -30.29 -0.67
CA ASN D 135 19.58 -28.96 -1.21
C ASN D 135 19.00 -28.77 -2.61
N GLU D 136 18.27 -27.67 -2.75
CA GLU D 136 17.70 -27.23 -4.03
C GLU D 136 17.25 -28.32 -5.02
N PRO D 137 16.23 -29.01 -4.71
CA PRO D 137 15.67 -29.95 -5.60
C PRO D 137 15.18 -29.29 -6.83
N HIS D 138 15.37 -30.00 -7.92
CA HIS D 138 15.09 -29.53 -9.22
C HIS D 138 15.02 -30.49 -10.35
N GLY D 139 14.79 -29.96 -11.51
CA GLY D 139 14.71 -30.70 -12.72
C GLY D 139 13.54 -31.66 -12.68
N ASN D 140 13.75 -32.92 -12.93
CA ASN D 140 12.73 -33.94 -12.90
C ASN D 140 12.23 -34.27 -11.58
N LEU D 141 12.92 -33.81 -10.52
CA LEU D 141 12.42 -33.96 -9.16
C LEU D 141 11.58 -32.68 -9.08
N THR D 142 10.37 -32.77 -9.62
CA THR D 142 9.42 -31.67 -9.68
C THR D 142 8.78 -31.37 -8.33
N PRO D 143 8.12 -30.19 -8.20
CA PRO D 143 7.48 -29.86 -6.94
C PRO D 143 6.58 -31.00 -6.48
N GLU D 144 5.82 -31.59 -7.37
CA GLU D 144 4.96 -32.67 -6.90
C GLU D 144 5.76 -33.88 -6.46
N LYS D 145 6.76 -34.28 -7.25
CA LYS D 145 7.58 -35.44 -6.88
C LYS D 145 8.33 -35.16 -5.59
N TRP D 146 8.74 -33.90 -5.38
CA TRP D 146 9.45 -33.54 -4.14
C TRP D 146 8.54 -33.67 -2.90
N ASN D 147 7.27 -33.32 -2.99
CA ASN D 147 6.37 -33.45 -1.83
C ASN D 147 6.28 -34.93 -1.40
N GLU D 148 6.37 -35.84 -2.36
CA GLU D 148 6.30 -37.27 -2.04
C GLU D 148 7.62 -37.74 -1.50
N LEU D 149 8.71 -37.30 -2.13
CA LEU D 149 10.02 -37.73 -1.68
C LEU D 149 10.31 -37.22 -0.28
N LEU D 150 10.07 -35.93 -0.03
CA LEU D 150 10.39 -35.38 1.28
C LEU D 150 9.58 -36.05 2.38
N GLU D 151 8.37 -36.48 2.09
CA GLU D 151 7.61 -37.15 3.12
C GLU D 151 8.20 -38.50 3.41
N GLU D 152 8.67 -39.17 2.38
CA GLU D 152 9.26 -40.50 2.53
C GLU D 152 10.52 -40.34 3.36
N ALA D 153 11.23 -39.23 3.14
CA ALA D 153 12.46 -39.03 3.88
C ALA D 153 12.17 -38.76 5.35
N LEU D 154 11.13 -37.97 5.61
CA LEU D 154 10.71 -37.60 6.95
C LEU D 154 10.38 -38.89 7.69
N LYS D 155 9.71 -39.80 6.99
CA LYS D 155 9.33 -41.09 7.61
C LYS D 155 10.55 -41.95 7.95
N VAL D 156 11.54 -41.94 7.08
CA VAL D 156 12.74 -42.72 7.32
C VAL D 156 13.48 -42.13 8.48
N ILE D 157 13.65 -40.82 8.49
CA ILE D 157 14.36 -40.19 9.57
C ILE D 157 13.67 -40.30 10.92
N ARG D 158 12.36 -40.06 10.97
CA ARG D 158 11.63 -40.08 12.24
C ARG D 158 11.51 -41.51 12.79
N SER D 159 11.75 -42.51 11.97
CA SER D 159 11.66 -43.87 12.49
C SER D 159 12.94 -44.19 13.30
N ILE D 160 13.93 -43.32 13.19
CA ILE D 160 15.21 -43.50 13.88
C ILE D 160 15.48 -42.39 14.90
N ASP D 161 15.06 -41.19 14.56
CA ASP D 161 15.36 -39.99 15.32
C ASP D 161 14.14 -39.08 15.48
N LYS D 162 13.69 -38.90 16.70
CA LYS D 162 12.54 -38.03 16.94
C LYS D 162 13.00 -36.84 17.74
N LYS D 163 14.31 -36.63 17.75
CA LYS D 163 14.91 -35.58 18.54
C LYS D 163 15.44 -34.39 17.74
N HIS D 164 15.95 -34.63 16.55
CA HIS D 164 16.48 -33.49 15.79
C HIS D 164 15.47 -32.79 14.88
N THR D 165 15.63 -31.49 14.74
CA THR D 165 14.78 -30.69 13.87
C THR D 165 15.22 -30.96 12.44
N ILE D 166 14.25 -31.06 11.55
CA ILE D 166 14.54 -31.33 10.14
C ILE D 166 14.26 -30.07 9.31
N ILE D 167 15.09 -29.80 8.31
CA ILE D 167 14.94 -28.62 7.46
C ILE D 167 14.55 -29.09 6.07
N ILE D 168 13.45 -28.52 5.57
CA ILE D 168 12.81 -28.88 4.30
C ILE D 168 12.79 -27.74 3.35
N GLY D 169 13.37 -27.96 2.15
CA GLY D 169 13.46 -26.90 1.16
C GLY D 169 12.38 -26.95 0.12
N THR D 170 12.47 -26.02 -0.83
CA THR D 170 11.49 -25.92 -1.91
C THR D 170 12.08 -26.50 -3.20
N ALA D 171 11.20 -26.86 -4.11
CA ALA D 171 11.61 -27.40 -5.40
C ALA D 171 12.00 -26.27 -6.33
N GLU D 172 12.10 -26.57 -7.62
CA GLU D 172 12.49 -25.62 -8.64
C GLU D 172 13.69 -24.81 -8.21
N TRP D 173 14.72 -25.51 -7.74
CA TRP D 173 15.99 -24.91 -7.28
C TRP D 173 16.00 -24.25 -5.93
N GLY D 174 14.97 -24.48 -5.14
CA GLY D 174 15.01 -23.94 -3.78
C GLY D 174 14.60 -22.51 -3.46
N GLY D 175 14.09 -21.78 -4.45
CA GLY D 175 13.64 -20.41 -4.22
C GLY D 175 12.17 -20.25 -3.82
N ILE D 176 11.60 -19.07 -4.08
CA ILE D 176 10.21 -18.79 -3.73
C ILE D 176 9.29 -19.33 -4.79
N SER D 177 9.89 -19.61 -5.95
CA SER D 177 9.25 -20.10 -7.15
C SER D 177 8.16 -21.16 -6.91
N ALA D 178 8.50 -22.18 -6.12
CA ALA D 178 7.57 -23.28 -5.88
C ALA D 178 7.17 -23.36 -4.43
N LEU D 179 7.40 -22.27 -3.69
CA LEU D 179 7.04 -22.30 -2.30
C LEU D 179 5.54 -22.66 -2.17
N GLU D 180 4.70 -22.02 -2.99
CA GLU D 180 3.25 -22.28 -2.95
C GLU D 180 2.89 -23.76 -3.09
N LYS D 181 3.71 -24.50 -3.84
CA LYS D 181 3.51 -25.93 -4.09
C LYS D 181 4.00 -26.81 -2.96
N LEU D 182 4.81 -26.24 -2.07
CA LEU D 182 5.36 -27.06 -1.02
C LEU D 182 4.35 -27.53 0.00
N SER D 183 4.44 -28.80 0.31
CA SER D 183 3.57 -29.41 1.29
C SER D 183 4.42 -30.18 2.33
N VAL D 184 4.27 -29.83 3.60
CA VAL D 184 4.98 -30.50 4.69
C VAL D 184 3.88 -31.25 5.47
N PRO D 185 3.94 -32.58 5.51
CA PRO D 185 2.90 -33.32 6.24
C PRO D 185 2.55 -32.78 7.65
N LYS D 186 1.25 -32.76 7.94
CA LYS D 186 0.71 -32.31 9.23
C LYS D 186 1.26 -33.12 10.42
N TRP D 187 1.53 -34.40 10.19
CA TRP D 187 2.05 -35.23 11.27
C TRP D 187 3.47 -34.86 11.71
N GLU D 188 4.22 -34.11 10.90
CA GLU D 188 5.58 -33.73 11.28
C GLU D 188 5.51 -32.39 11.99
N LYS D 189 6.03 -32.33 13.21
CA LYS D 189 5.96 -31.11 13.98
C LYS D 189 7.27 -30.55 14.48
N ASN D 190 8.37 -31.01 13.89
CA ASN D 190 9.64 -30.46 14.28
C ASN D 190 10.49 -30.21 13.02
N SER D 191 9.97 -29.36 12.12
CA SER D 191 10.69 -28.99 10.90
C SER D 191 10.74 -27.51 10.60
N ILE D 192 11.82 -27.07 9.98
CA ILE D 192 11.95 -25.66 9.60
C ILE D 192 11.94 -25.64 8.06
N VAL D 193 11.24 -24.70 7.44
CA VAL D 193 11.25 -24.64 6.00
C VAL D 193 12.37 -23.69 5.57
N THR D 194 13.14 -24.11 4.58
CA THR D 194 14.24 -23.27 4.12
C THR D 194 14.03 -22.83 2.71
N ILE D 195 14.46 -21.60 2.43
CA ILE D 195 14.38 -21.02 1.12
C ILE D 195 15.76 -20.38 0.84
N HIS D 196 16.22 -20.44 -0.41
CA HIS D 196 17.46 -19.81 -0.74
C HIS D 196 17.04 -18.52 -1.44
N TYR D 197 17.73 -17.41 -1.18
CA TYR D 197 17.32 -16.17 -1.80
C TYR D 197 18.43 -15.53 -2.56
N TYR D 198 18.30 -15.53 -3.90
CA TYR D 198 19.34 -14.94 -4.73
C TYR D 198 18.80 -13.92 -5.75
N ASN D 199 17.57 -13.45 -5.53
CA ASN D 199 16.93 -12.48 -6.43
C ASN D 199 17.41 -11.08 -6.16
N PRO D 200 17.69 -10.29 -7.21
CA PRO D 200 17.58 -10.68 -8.62
C PRO D 200 18.69 -11.64 -8.98
N PHE D 201 18.32 -12.76 -9.60
CA PHE D 201 19.29 -13.77 -9.98
C PHE D 201 20.39 -13.21 -10.86
N GLU D 202 20.00 -12.45 -11.89
CA GLU D 202 20.97 -11.90 -12.80
C GLU D 202 21.97 -11.01 -12.08
N PHE D 203 21.50 -10.33 -11.04
CA PHE D 203 22.38 -9.49 -10.22
C PHE D 203 23.33 -10.38 -9.40
N THR D 204 22.83 -11.29 -8.65
CA THR D 204 23.61 -12.18 -7.81
C THR D 204 24.63 -13.16 -8.41
N HIS D 205 24.22 -13.66 -9.55
CA HIS D 205 24.92 -14.53 -10.36
C HIS D 205 25.56 -13.95 -11.59
N GLN D 206 25.73 -12.69 -11.70
CA GLN D 206 26.34 -12.16 -12.89
C GLN D 206 27.74 -12.73 -13.04
N GLY D 207 28.01 -13.23 -14.24
CA GLY D 207 29.32 -13.76 -14.55
C GLY D 207 29.71 -15.04 -13.85
N ALA D 208 28.74 -15.72 -13.26
CA ALA D 208 29.07 -16.97 -12.56
C ALA D 208 29.39 -18.00 -13.65
N GLU D 209 30.59 -18.54 -13.61
CA GLU D 209 31.02 -19.50 -14.62
C GLU D 209 30.14 -20.75 -14.73
N TRP D 210 29.51 -21.16 -13.65
CA TRP D 210 28.68 -22.34 -13.69
C TRP D 210 27.27 -22.06 -14.17
N VAL D 211 26.98 -20.82 -14.57
CA VAL D 211 25.63 -20.48 -15.03
C VAL D 211 25.61 -19.99 -16.47
N GLU D 212 24.90 -20.75 -17.29
CA GLU D 212 24.77 -20.52 -18.73
C GLU D 212 24.31 -19.12 -19.15
N GLY D 213 25.20 -18.38 -19.82
CA GLY D 213 24.89 -17.03 -20.30
C GLY D 213 24.91 -15.89 -19.27
N SER D 214 25.39 -16.20 -18.08
CA SER D 214 25.45 -15.24 -16.99
C SER D 214 26.39 -14.09 -17.33
N GLU D 215 27.17 -14.21 -18.39
CA GLU D 215 28.07 -13.10 -18.70
C GLU D 215 27.28 -11.93 -19.25
N LYS D 216 26.06 -12.17 -19.68
CA LYS D 216 25.36 -11.04 -20.22
C LYS D 216 24.89 -10.10 -19.10
N TRP D 217 25.06 -10.52 -17.85
CA TRP D 217 24.60 -9.73 -16.70
C TRP D 217 25.67 -8.89 -16.01
N LEU D 218 26.93 -9.12 -16.34
CA LEU D 218 28.03 -8.41 -15.72
C LEU D 218 27.84 -6.88 -15.73
N GLY D 219 28.05 -6.25 -14.58
CA GLY D 219 27.86 -4.82 -14.48
C GLY D 219 26.53 -4.45 -13.82
N ARG D 220 25.54 -5.33 -13.86
CA ARG D 220 24.25 -5.02 -13.24
C ARG D 220 24.48 -4.56 -11.79
N LYS D 221 23.77 -3.49 -11.41
CA LYS D 221 23.83 -2.90 -10.08
C LYS D 221 22.57 -3.28 -9.32
N TRP D 222 22.60 -3.05 -8.01
CA TRP D 222 21.46 -3.27 -7.11
C TRP D 222 21.46 -2.18 -6.02
N GLY D 223 20.27 -1.69 -5.65
CA GLY D 223 20.15 -0.65 -4.64
C GLY D 223 19.05 0.43 -4.81
N SER D 224 18.41 0.49 -5.95
CA SER D 224 17.35 1.49 -6.14
C SER D 224 16.15 1.19 -5.22
N PRO D 225 15.25 2.20 -5.01
CA PRO D 225 14.07 2.02 -4.15
C PRO D 225 13.19 0.92 -4.69
N ASP D 226 13.08 0.81 -6.02
CA ASP D 226 12.27 -0.23 -6.61
C ASP D 226 12.92 -1.59 -6.32
N ASP D 227 14.26 -1.65 -6.37
CA ASP D 227 14.99 -2.90 -6.06
C ASP D 227 14.58 -3.32 -4.65
N GLN D 228 14.65 -2.38 -3.70
CA GLN D 228 14.28 -2.65 -2.30
C GLN D 228 12.80 -3.03 -2.13
N LYS D 229 11.92 -2.34 -2.83
CA LYS D 229 10.49 -2.63 -2.67
C LYS D 229 10.18 -4.02 -3.22
N HIS D 230 10.81 -4.38 -4.33
CA HIS D 230 10.54 -5.69 -4.91
C HIS D 230 10.98 -6.81 -3.97
N LEU D 231 12.17 -6.66 -3.37
CA LEU D 231 12.66 -7.69 -2.46
C LEU D 231 11.73 -7.79 -1.23
N ILE D 232 11.29 -6.63 -0.71
CA ILE D 232 10.37 -6.65 0.41
C ILE D 232 9.05 -7.39 0.06
N GLU D 233 8.50 -7.18 -1.13
CA GLU D 233 7.25 -7.85 -1.46
C GLU D 233 7.42 -9.38 -1.59
N GLU D 234 8.61 -9.81 -2.03
CA GLU D 234 8.92 -11.25 -2.12
C GLU D 234 9.08 -11.77 -0.68
N PHE D 235 9.76 -11.02 0.18
CA PHE D 235 9.86 -11.51 1.58
C PHE D 235 8.47 -11.49 2.22
N ASN D 236 7.60 -10.56 1.83
CA ASN D 236 6.25 -10.55 2.46
C ASN D 236 5.47 -11.78 2.05
N PHE D 237 5.69 -12.24 0.83
CA PHE D 237 5.02 -13.46 0.35
C PHE D 237 5.52 -14.70 1.14
N ILE D 238 6.83 -14.77 1.38
CA ILE D 238 7.37 -15.90 2.14
C ILE D 238 6.81 -15.82 3.55
N GLU D 239 6.84 -14.62 4.14
CA GLU D 239 6.34 -14.46 5.49
C GLU D 239 4.84 -14.86 5.58
N GLU D 240 4.02 -14.44 4.63
CA GLU D 240 2.61 -14.82 4.73
C GLU D 240 2.42 -16.33 4.59
N TRP D 241 3.22 -16.98 3.73
CA TRP D 241 3.16 -18.43 3.57
C TRP D 241 3.54 -19.08 4.90
N SER D 242 4.60 -18.54 5.51
CA SER D 242 5.07 -19.07 6.80
C SER D 242 3.99 -19.03 7.86
N LYS D 243 3.26 -17.91 7.93
CA LYS D 243 2.20 -17.75 8.94
C LYS D 243 1.08 -18.76 8.69
N LYS D 244 0.63 -18.82 7.44
CA LYS D 244 -0.45 -19.70 7.08
C LYS D 244 -0.15 -21.18 7.33
N ASN D 245 1.04 -21.60 6.92
CA ASN D 245 1.46 -22.99 7.06
C ASN D 245 2.09 -23.36 8.41
N LYS D 246 2.27 -22.36 9.27
CA LYS D 246 2.84 -22.63 10.59
C LYS D 246 4.22 -23.31 10.60
N ARG D 247 5.20 -22.78 9.86
CA ARG D 247 6.53 -23.37 9.88
C ARG D 247 7.50 -22.19 9.95
N PRO D 248 8.58 -22.32 10.73
CA PRO D 248 9.59 -21.25 10.82
C PRO D 248 10.32 -21.21 9.47
N ILE D 249 11.07 -20.15 9.20
CA ILE D 249 11.76 -20.01 7.94
C ILE D 249 13.23 -19.81 8.21
N TYR D 250 14.04 -20.49 7.40
CA TYR D 250 15.50 -20.43 7.45
C TYR D 250 15.91 -20.05 6.02
N ILE D 251 16.54 -18.90 5.81
CA ILE D 251 16.99 -18.64 4.46
C ILE D 251 18.39 -19.25 4.49
N GLY D 252 18.47 -20.54 4.13
CA GLY D 252 19.72 -21.32 4.14
C GLY D 252 20.91 -20.89 3.29
N ALA D 253 20.63 -20.07 2.28
CA ALA D 253 21.70 -19.53 1.46
C ALA D 253 21.24 -18.25 0.77
N PHE D 254 22.12 -17.22 0.77
CA PHE D 254 21.85 -15.96 0.07
C PHE D 254 23.21 -15.29 -0.06
N GLY D 255 23.42 -14.61 -1.18
CA GLY D 255 24.70 -13.97 -1.45
C GLY D 255 24.84 -13.41 -2.85
N ALA D 256 25.84 -12.56 -3.08
CA ALA D 256 26.04 -12.02 -4.42
C ALA D 256 27.48 -12.33 -4.76
N TYR D 257 27.70 -12.75 -6.00
CA TYR D 257 29.02 -13.18 -6.48
C TYR D 257 30.07 -12.06 -6.55
N ARG D 258 31.33 -12.41 -6.36
CA ARG D 258 32.45 -11.45 -6.40
C ARG D 258 32.50 -10.53 -7.62
N LYS D 259 31.94 -10.96 -8.76
CA LYS D 259 31.95 -10.15 -9.98
C LYS D 259 30.96 -8.96 -9.99
N ALA D 260 29.91 -9.00 -9.16
CA ALA D 260 28.99 -7.87 -9.02
C ALA D 260 29.79 -6.73 -8.33
N ASP D 261 29.50 -5.45 -8.62
CA ASP D 261 30.26 -4.36 -7.97
C ASP D 261 30.14 -4.40 -6.44
N LEU D 262 31.26 -4.23 -5.74
CA LEU D 262 31.24 -4.30 -4.27
C LEU D 262 30.12 -3.51 -3.59
N GLU D 263 29.96 -2.25 -3.93
CA GLU D 263 28.90 -1.47 -3.32
C GLU D 263 27.52 -2.11 -3.43
N SER D 264 27.18 -2.61 -4.61
CA SER D 264 25.86 -3.24 -4.78
C SER D 264 25.78 -4.51 -3.91
N ARG D 265 26.90 -5.24 -3.83
CA ARG D 265 26.95 -6.47 -3.02
C ARG D 265 26.68 -6.12 -1.57
N ILE D 266 27.38 -5.11 -1.05
CA ILE D 266 27.16 -4.69 0.35
C ILE D 266 25.72 -4.19 0.58
N LYS D 267 25.21 -3.39 -0.33
CA LYS D 267 23.85 -2.85 -0.19
C LYS D 267 22.81 -3.97 -0.20
N TRP D 268 22.99 -4.92 -1.09
CA TRP D 268 22.05 -6.03 -1.24
C TRP D 268 22.17 -6.95 -0.04
N THR D 269 23.40 -7.29 0.31
CA THR D 269 23.58 -8.18 1.47
C THR D 269 23.04 -7.54 2.76
N SER D 270 23.32 -6.25 2.99
CA SER D 270 22.85 -5.56 4.22
C SER D 270 21.34 -5.48 4.28
N PHE D 271 20.74 -5.21 3.16
CA PHE D 271 19.30 -5.06 3.10
C PHE D 271 18.57 -6.36 3.34
N VAL D 272 19.10 -7.40 2.71
CA VAL D 272 18.55 -8.74 2.85
C VAL D 272 18.63 -9.15 4.33
N VAL D 273 19.81 -9.00 4.94
CA VAL D 273 19.89 -9.35 6.37
C VAL D 273 18.86 -8.55 7.22
N ARG D 274 18.78 -7.24 7.05
CA ARG D 274 17.85 -6.46 7.88
C ARG D 274 16.41 -6.89 7.65
N GLU D 275 16.04 -7.21 6.41
CA GLU D 275 14.65 -7.58 6.13
C GLU D 275 14.31 -8.97 6.67
N MET D 276 15.30 -9.85 6.67
CA MET D 276 15.11 -11.21 7.23
C MET D 276 14.98 -11.09 8.75
N GLU D 277 15.84 -10.28 9.35
CA GLU D 277 15.79 -10.14 10.81
C GLU D 277 14.47 -9.58 11.28
N LYS D 278 13.89 -8.66 10.50
CA LYS D 278 12.60 -8.06 10.86
C LYS D 278 11.53 -9.15 10.90
N ARG D 279 11.73 -10.22 10.16
CA ARG D 279 10.72 -11.28 10.12
C ARG D 279 11.10 -12.43 11.05
N ARG D 280 12.13 -12.20 11.86
CA ARG D 280 12.63 -13.20 12.82
C ARG D 280 13.08 -14.53 12.18
N TRP D 281 13.60 -14.48 10.95
CA TRP D 281 14.07 -15.69 10.27
C TRP D 281 15.53 -15.96 10.58
N SER D 282 15.92 -17.22 10.49
CA SER D 282 17.31 -17.58 10.69
C SER D 282 17.94 -17.58 9.30
N TRP D 283 19.27 -17.64 9.19
CA TRP D 283 19.83 -17.57 7.86
C TRP D 283 21.28 -17.97 7.79
N ALA D 284 21.74 -18.30 6.59
CA ALA D 284 23.17 -18.61 6.40
C ALA D 284 23.70 -17.93 5.15
N TYR D 285 24.69 -17.05 5.30
CA TYR D 285 25.23 -16.40 4.11
C TYR D 285 26.00 -17.38 3.24
N TRP D 286 25.89 -17.23 1.91
CA TRP D 286 26.61 -18.07 0.97
C TRP D 286 27.66 -17.11 0.43
N GLU D 287 28.94 -17.31 0.77
CA GLU D 287 29.43 -18.35 1.65
C GLU D 287 30.65 -17.78 2.33
N PHE D 288 31.28 -18.58 3.17
CA PHE D 288 32.42 -18.13 3.98
C PHE D 288 33.67 -17.63 3.28
N CYS D 289 34.29 -18.45 2.44
CA CYS D 289 35.58 -18.03 1.90
C CYS D 289 35.93 -18.29 0.44
N SER D 290 34.95 -18.55 -0.41
CA SER D 290 35.19 -18.81 -1.83
C SER D 290 34.79 -17.61 -2.73
N GLY D 291 34.17 -17.91 -3.89
CA GLY D 291 33.72 -16.89 -4.84
C GLY D 291 32.74 -15.82 -4.34
N PHE D 292 31.96 -16.15 -3.28
CA PHE D 292 31.02 -15.21 -2.68
C PHE D 292 31.59 -14.85 -1.31
N GLY D 293 32.82 -15.30 -1.04
CA GLY D 293 33.45 -15.09 0.27
C GLY D 293 33.44 -13.76 1.00
N VAL D 294 33.34 -13.86 2.33
CA VAL D 294 33.36 -12.71 3.23
C VAL D 294 34.65 -12.74 4.06
N TYR D 295 35.34 -13.87 4.07
CA TYR D 295 36.59 -14.01 4.81
C TYR D 295 37.67 -14.56 3.87
N ASP D 296 38.86 -13.95 3.91
CA ASP D 296 39.96 -14.40 3.09
C ASP D 296 40.78 -15.29 4.02
N THR D 297 40.62 -16.61 3.85
CA THR D 297 41.29 -17.60 4.70
C THR D 297 42.79 -17.52 4.62
N LEU D 298 43.28 -16.88 3.57
CA LEU D 298 44.71 -16.71 3.41
C LEU D 298 45.21 -15.62 4.35
N ARG D 299 45.03 -14.37 3.93
CA ARG D 299 45.43 -13.17 4.65
C ARG D 299 44.70 -13.05 5.99
N LYS D 300 43.87 -14.05 6.27
CA LYS D 300 43.11 -14.10 7.51
C LYS D 300 42.41 -12.80 7.91
N THR D 301 41.67 -12.22 6.98
CA THR D 301 40.94 -10.98 7.23
C THR D 301 39.57 -11.06 6.59
N TRP D 302 38.58 -10.50 7.25
CA TRP D 302 37.22 -10.47 6.71
C TRP D 302 37.08 -9.18 5.94
N ASN D 303 36.26 -9.17 4.89
CA ASN D 303 35.96 -7.95 4.16
C ASN D 303 35.01 -7.34 5.22
N LYS D 304 35.50 -6.35 5.95
CA LYS D 304 34.72 -5.73 7.02
C LYS D 304 33.37 -5.12 6.66
N ASP D 305 33.25 -4.53 5.47
CA ASP D 305 31.97 -3.94 5.08
C ASP D 305 30.94 -5.05 4.86
N LEU D 306 31.39 -6.15 4.27
CA LEU D 306 30.51 -7.28 4.08
C LEU D 306 30.20 -7.89 5.46
N LEU D 307 31.23 -8.06 6.30
CA LEU D 307 30.96 -8.63 7.62
C LEU D 307 29.97 -7.77 8.36
N GLU D 308 30.15 -6.44 8.28
CA GLU D 308 29.25 -5.54 9.00
C GLU D 308 27.79 -5.72 8.55
N ALA D 309 27.61 -5.94 7.25
CA ALA D 309 26.29 -6.16 6.65
C ALA D 309 25.60 -7.38 7.27
N LEU D 310 26.42 -8.38 7.60
CA LEU D 310 25.92 -9.61 8.19
C LEU D 310 25.79 -9.58 9.70
N ILE D 311 26.89 -9.14 10.33
CA ILE D 311 27.16 -9.07 11.79
C ILE D 311 26.92 -10.37 12.57
#